data_8ACK
#
_entry.id   8ACK
#
_cell.length_a   63.292
_cell.length_b   85.661
_cell.length_c   98.097
_cell.angle_alpha   90.00
_cell.angle_beta   93.85
_cell.angle_gamma   90.00
#
_symmetry.space_group_name_H-M   'P 1 21 1'
#
loop_
_entity.id
_entity.type
_entity.pdbx_description
1 polymer 'Keratinase KP1'
2 polymer PCP
3 non-polymer 'CACODYLATE ION'
4 non-polymer 'ZINC ION'
5 non-polymer 'SODIUM ION'
6 water water
#
loop_
_entity_poly.entity_id
_entity_poly.type
_entity_poly.pdbx_seq_one_letter_code
_entity_poly.pdbx_strand_id
1 'polypeptide(L)'
;SEAQQFTEFWTPGKPNPSICKSPLLVSTPLGLPRCLQASNVVKRLQKLEDIASLNDGNRAAATPGYQASVDYVKQTLQKA
GYKVSVQPFPFTAYYPKGPGSLSATVPQPVTYEWEKDFTYLSQTEAGDVTAKVVPVDLSLGAGNTSTSGCEAEDFANFPA
GSIALIQRGTCNFEQKAENAAAAGAAGVIIFNQGNTDDRKGLENVTVGESYEGGIPVIFATYDNGVAWSQTPDLQLHLVV
DVVRKKTETYNVVAETRRGNPNNVVMVGAHLDSVFEGPGINDNGSGSAAQLEMAVLLAKALPVNKVRFAWWGAEEAGLVG
STHYVQNLAPEEKKKIKAYLNFDMIGSPNFGNFIYDGDGSDFGLQGPPGSAAIERLFEAYFRLRGQQSEGTEIDFRSDYA
EFFNSGIAFGGLFTGAEGLKTEEQAQKYGGTAGKAYDECYHSKCDGIANINQDALEIHSDAMAFVTSWLSLSTKVVDDEI
AAAGQKLVPR
;
B,A
2 'polypeptide(L)' ERWGHDFIK P,C
#
loop_
_chem_comp.id
_chem_comp.type
_chem_comp.name
_chem_comp.formula
CAC non-polymer 'CACODYLATE ION' 'C2 H6 As O2 -1'
NA non-polymer 'SODIUM ION' 'Na 1'
ZN non-polymer 'ZINC ION' 'Zn 2'
#
# COMPACT_ATOMS: atom_id res chain seq x y z
N SER A 18 -39.86 -21.35 -11.43
CA SER A 18 -38.99 -21.72 -12.54
C SER A 18 -38.45 -20.49 -13.26
N ILE A 19 -38.79 -19.31 -12.75
CA ILE A 19 -38.27 -18.07 -13.31
C ILE A 19 -36.75 -18.08 -13.30
N CYS A 20 -36.13 -18.74 -12.33
CA CYS A 20 -34.68 -18.80 -12.31
C CYS A 20 -34.14 -19.95 -13.16
N LYS A 21 -34.99 -20.57 -13.97
CA LYS A 21 -34.56 -21.41 -15.07
C LYS A 21 -34.41 -20.64 -16.36
N SER A 22 -34.83 -19.36 -16.37
CA SER A 22 -34.66 -18.54 -17.56
C SER A 22 -33.19 -18.21 -17.77
N PRO A 23 -32.65 -18.44 -18.96
CA PRO A 23 -31.29 -17.95 -19.24
C PRO A 23 -31.15 -16.44 -19.11
N LEU A 24 -32.23 -15.69 -19.29
CA LEU A 24 -32.09 -14.23 -19.15
C LEU A 24 -31.63 -13.84 -17.76
N LEU A 25 -32.07 -14.59 -16.73
CA LEU A 25 -31.68 -14.22 -15.37
C LEU A 25 -30.32 -14.76 -15.02
N VAL A 26 -30.11 -16.06 -15.22
CA VAL A 26 -28.88 -16.68 -14.72
C VAL A 26 -27.67 -16.37 -15.59
N SER A 27 -27.85 -15.75 -16.76
CA SER A 27 -26.71 -15.46 -17.61
C SER A 27 -26.03 -14.12 -17.27
N THR A 28 -26.64 -13.29 -16.43
CA THR A 28 -26.14 -11.93 -16.26
C THR A 28 -25.75 -11.66 -14.82
N PRO A 29 -24.85 -10.72 -14.58
CA PRO A 29 -24.22 -10.63 -13.24
C PRO A 29 -25.14 -10.12 -12.16
N LEU A 30 -26.16 -9.34 -12.50
CA LEU A 30 -27.13 -8.96 -11.48
C LEU A 30 -28.33 -9.89 -11.46
N GLY A 31 -28.41 -10.83 -12.41
CA GLY A 31 -29.44 -11.86 -12.39
C GLY A 31 -29.02 -13.06 -11.55
N LEU A 32 -27.80 -13.53 -11.73
CA LEU A 32 -27.37 -14.73 -11.03
C LEU A 32 -27.50 -14.57 -9.52
N PRO A 33 -27.08 -13.45 -8.90
CA PRO A 33 -27.26 -13.31 -7.45
C PRO A 33 -28.70 -13.32 -7.01
N ARG A 34 -29.61 -12.78 -7.82
CA ARG A 34 -31.03 -12.86 -7.48
C ARG A 34 -31.49 -14.30 -7.39
N CYS A 35 -30.93 -15.16 -8.24
CA CYS A 35 -31.40 -16.54 -8.28
C CYS A 35 -30.66 -17.45 -7.32
N LEU A 36 -29.50 -17.03 -6.82
CA LEU A 36 -28.72 -17.79 -5.84
C LEU A 36 -29.16 -17.34 -4.47
N GLN A 37 -29.97 -18.15 -3.80
CA GLN A 37 -30.61 -17.75 -2.56
C GLN A 37 -29.92 -18.43 -1.39
N ALA A 38 -29.64 -17.63 -0.35
CA ALA A 38 -28.97 -18.16 0.84
C ALA A 38 -29.76 -19.32 1.44
N SER A 39 -31.09 -19.23 1.42
CA SER A 39 -31.88 -20.31 2.04
C SER A 39 -31.64 -21.62 1.31
N ASN A 40 -31.42 -21.56 0.00
CA ASN A 40 -31.08 -22.78 -0.74
C ASN A 40 -29.66 -23.24 -0.46
N VAL A 41 -28.71 -22.33 -0.22
CA VAL A 41 -27.38 -22.76 0.21
C VAL A 41 -27.48 -23.48 1.55
N VAL A 42 -28.30 -22.95 2.45
CA VAL A 42 -28.47 -23.54 3.78
C VAL A 42 -29.00 -24.96 3.69
N LYS A 43 -29.94 -25.21 2.78
CA LYS A 43 -30.43 -26.58 2.61
C LYS A 43 -29.31 -27.51 2.22
N ARG A 44 -28.43 -27.07 1.31
CA ARG A 44 -27.29 -27.89 0.94
C ARG A 44 -26.34 -28.08 2.12
N LEU A 45 -26.18 -27.04 2.94
CA LEU A 45 -25.36 -27.17 4.14
C LEU A 45 -25.95 -28.20 5.10
N GLN A 46 -27.28 -28.24 5.21
CA GLN A 46 -27.91 -29.23 6.08
C GLN A 46 -27.60 -30.64 5.59
N LYS A 47 -27.61 -30.84 4.27
CA LYS A 47 -27.27 -32.14 3.69
C LYS A 47 -25.85 -32.56 4.04
N LEU A 48 -24.90 -31.62 3.96
CA LEU A 48 -23.53 -31.93 4.36
C LEU A 48 -23.46 -32.27 5.85
N GLU A 49 -24.24 -31.55 6.67
CA GLU A 49 -24.32 -31.86 8.08
C GLU A 49 -24.86 -33.27 8.30
N ASP A 50 -25.92 -33.63 7.57
CA ASP A 50 -26.46 -34.97 7.68
C ASP A 50 -25.42 -36.02 7.25
N ILE A 51 -24.68 -35.73 6.18
CA ILE A 51 -23.62 -36.63 5.74
C ILE A 51 -22.58 -36.83 6.84
N ALA A 52 -22.08 -35.73 7.41
CA ALA A 52 -21.11 -35.87 8.49
C ALA A 52 -21.68 -36.71 9.62
N SER A 53 -22.94 -36.46 10.00
CA SER A 53 -23.55 -37.17 11.12
C SER A 53 -23.66 -38.67 10.87
N LEU A 54 -23.89 -39.07 9.61
CA LEU A 54 -23.98 -40.48 9.28
C LEU A 54 -22.60 -41.12 9.12
N ASN A 55 -21.53 -40.33 9.19
CA ASN A 55 -20.17 -40.83 8.95
C ASN A 55 -19.23 -40.37 10.06
N ASP A 56 -19.63 -40.62 11.30
CA ASP A 56 -18.81 -40.44 12.49
C ASP A 56 -18.41 -38.99 12.76
N GLY A 57 -19.13 -38.03 12.18
CA GLY A 57 -18.96 -36.63 12.55
C GLY A 57 -17.94 -35.84 11.76
N ASN A 58 -17.42 -36.37 10.65
CA ASN A 58 -16.47 -35.59 9.85
C ASN A 58 -16.69 -35.90 8.38
N ARG A 59 -16.08 -35.05 7.55
CA ARG A 59 -16.03 -35.23 6.10
C ARG A 59 -14.58 -35.12 5.65
N ALA A 60 -13.67 -35.73 6.41
CA ALA A 60 -12.24 -35.57 6.20
C ALA A 60 -11.76 -36.43 5.02
N ALA A 61 -10.62 -36.02 4.46
CA ALA A 61 -10.05 -36.77 3.35
C ALA A 61 -9.86 -38.23 3.74
N ALA A 62 -10.16 -39.13 2.80
CA ALA A 62 -9.95 -40.58 2.96
C ALA A 62 -10.87 -41.18 4.03
N THR A 63 -12.07 -40.63 4.19
CA THR A 63 -13.09 -41.13 5.08
C THR A 63 -14.40 -41.33 4.32
N PRO A 64 -15.30 -42.16 4.84
CA PRO A 64 -16.63 -42.29 4.22
C PRO A 64 -17.38 -40.98 4.20
N GLY A 65 -17.16 -40.10 5.19
CA GLY A 65 -17.80 -38.79 5.12
C GLY A 65 -17.40 -38.00 3.89
N TYR A 66 -16.13 -38.07 3.50
CA TYR A 66 -15.72 -37.38 2.28
C TYR A 66 -16.30 -38.06 1.05
N GLN A 67 -16.29 -39.39 1.00
CA GLN A 67 -16.87 -40.09 -0.14
C GLN A 67 -18.34 -39.74 -0.32
N ALA A 68 -19.11 -39.70 0.78
CA ALA A 68 -20.52 -39.33 0.68
C ALA A 68 -20.70 -37.88 0.25
N SER A 69 -19.75 -37.00 0.60
CA SER A 69 -19.82 -35.62 0.12
C SER A 69 -19.60 -35.57 -1.39
N VAL A 70 -18.65 -36.38 -1.88
CA VAL A 70 -18.39 -36.49 -3.32
C VAL A 70 -19.64 -36.98 -4.03
N ASP A 71 -20.25 -38.05 -3.51
CA ASP A 71 -21.47 -38.60 -4.11
C ASP A 71 -22.54 -37.54 -4.22
N TYR A 72 -22.70 -36.73 -3.16
CA TYR A 72 -23.74 -35.72 -3.16
C TYR A 72 -23.49 -34.66 -4.23
N VAL A 73 -22.26 -34.15 -4.28
CA VAL A 73 -21.91 -33.14 -5.27
C VAL A 73 -22.06 -33.70 -6.67
N LYS A 74 -21.55 -34.92 -6.89
CA LYS A 74 -21.62 -35.53 -8.21
C LYS A 74 -23.07 -35.73 -8.66
N GLN A 75 -23.91 -36.28 -7.77
CA GLN A 75 -25.30 -36.52 -8.14
C GLN A 75 -26.01 -35.21 -8.41
N THR A 76 -25.76 -34.19 -7.59
CA THR A 76 -26.39 -32.90 -7.81
C THR A 76 -26.02 -32.33 -9.19
N LEU A 77 -24.74 -32.41 -9.56
CA LEU A 77 -24.30 -31.89 -10.84
C LEU A 77 -24.86 -32.70 -12.00
N GLN A 78 -24.91 -34.02 -11.85
CA GLN A 78 -25.48 -34.84 -12.91
C GLN A 78 -26.97 -34.57 -13.10
N LYS A 79 -27.70 -34.29 -12.01
CA LYS A 79 -29.12 -34.00 -12.17
C LYS A 79 -29.33 -32.65 -12.84
N ALA A 80 -28.37 -31.74 -12.71
CA ALA A 80 -28.38 -30.45 -13.40
C ALA A 80 -27.86 -30.54 -14.83
N GLY A 81 -27.44 -31.72 -15.28
CA GLY A 81 -27.00 -31.89 -16.65
C GLY A 81 -25.52 -31.79 -16.92
N TYR A 82 -24.68 -31.75 -15.87
CA TYR A 82 -23.24 -31.71 -16.06
C TYR A 82 -22.70 -33.11 -16.24
N LYS A 83 -21.68 -33.23 -17.08
CA LYS A 83 -20.78 -34.38 -16.98
C LYS A 83 -19.78 -34.10 -15.87
N VAL A 84 -19.50 -35.10 -15.06
CA VAL A 84 -18.72 -34.89 -13.83
C VAL A 84 -17.49 -35.76 -13.88
N SER A 85 -16.34 -35.16 -13.58
CA SER A 85 -15.08 -35.88 -13.50
C SER A 85 -14.72 -36.03 -12.03
N VAL A 86 -14.62 -37.26 -11.57
CA VAL A 86 -14.17 -37.53 -10.22
C VAL A 86 -12.72 -37.99 -10.37
N GLN A 87 -11.79 -37.13 -9.97
CA GLN A 87 -10.40 -37.30 -10.32
C GLN A 87 -9.64 -37.84 -9.11
N PRO A 88 -9.18 -39.08 -9.14
CA PRO A 88 -8.43 -39.61 -8.00
C PRO A 88 -6.97 -39.19 -8.04
N PHE A 89 -6.36 -39.14 -6.86
CA PHE A 89 -4.92 -38.91 -6.79
C PHE A 89 -4.37 -39.59 -5.55
N PRO A 90 -3.13 -40.07 -5.61
CA PRO A 90 -2.53 -40.70 -4.42
C PRO A 90 -2.30 -39.67 -3.34
N PHE A 91 -2.42 -40.13 -2.10
CA PHE A 91 -2.53 -39.24 -0.97
C PHE A 91 -2.09 -40.00 0.29
N THR A 92 -1.16 -39.45 1.05
CA THR A 92 -0.75 -40.04 2.32
C THR A 92 -1.51 -39.32 3.42
N ALA A 93 -2.48 -40.00 4.01
CA ALA A 93 -3.27 -39.42 5.08
C ALA A 93 -2.46 -39.42 6.37
N TYR A 94 -2.67 -38.40 7.20
CA TYR A 94 -1.99 -38.27 8.48
C TYR A 94 -3.03 -38.03 9.55
N TYR A 95 -2.99 -38.85 10.62
CA TYR A 95 -3.88 -38.71 11.77
C TYR A 95 -3.07 -38.79 13.05
N PRO A 96 -3.00 -37.72 13.85
CA PRO A 96 -2.42 -37.87 15.20
C PRO A 96 -3.37 -38.68 16.07
N LYS A 97 -2.85 -39.71 16.72
CA LYS A 97 -3.70 -40.61 17.50
C LYS A 97 -3.60 -40.38 18.99
N GLY A 98 -2.75 -39.47 19.43
CA GLY A 98 -2.58 -39.18 20.83
C GLY A 98 -1.47 -38.18 21.01
N PRO A 99 -1.28 -37.70 22.24
CA PRO A 99 -0.24 -36.69 22.49
C PRO A 99 1.15 -37.30 22.45
N GLY A 100 2.12 -36.46 22.08
CA GLY A 100 3.50 -36.93 22.09
C GLY A 100 4.11 -36.91 23.49
N SER A 101 5.22 -37.62 23.63
CA SER A 101 6.00 -37.63 24.86
C SER A 101 7.45 -37.26 24.54
N LEU A 102 8.07 -36.55 25.48
CA LEU A 102 9.47 -36.17 25.37
C LEU A 102 10.04 -36.01 26.77
N SER A 103 11.12 -36.72 27.05
CA SER A 103 11.75 -36.66 28.36
C SER A 103 13.25 -36.86 28.20
N ALA A 104 14.02 -36.15 29.01
CA ALA A 104 15.44 -36.42 29.10
C ALA A 104 15.66 -37.62 30.02
N THR A 105 16.59 -38.49 29.62
CA THR A 105 17.03 -39.60 30.46
C THR A 105 18.44 -39.41 31.00
N VAL A 106 19.28 -38.69 30.27
CA VAL A 106 20.65 -38.39 30.66
C VAL A 106 20.91 -36.93 30.30
N PRO A 107 21.65 -36.16 31.12
CA PRO A 107 22.26 -36.64 32.36
C PRO A 107 21.28 -36.72 33.52
N GLN A 108 20.15 -36.03 33.39
CA GLN A 108 19.16 -36.01 34.47
C GLN A 108 17.76 -36.23 33.91
N PRO A 109 16.91 -36.93 34.65
CA PRO A 109 15.54 -37.17 34.16
C PRO A 109 14.72 -35.88 34.20
N VAL A 110 14.11 -35.55 33.07
CA VAL A 110 13.25 -34.37 32.95
C VAL A 110 12.11 -34.71 32.00
N THR A 111 10.88 -34.39 32.41
CA THR A 111 9.68 -34.61 31.60
C THR A 111 9.24 -33.28 31.01
N TYR A 112 9.23 -33.20 29.67
CA TYR A 112 8.78 -31.98 29.02
C TYR A 112 7.28 -32.07 28.71
N GLU A 113 6.65 -30.92 28.52
CA GLU A 113 5.21 -30.82 28.55
C GLU A 113 4.66 -30.75 27.13
N TRP A 114 3.77 -31.68 26.80
CA TRP A 114 3.13 -31.71 25.50
C TRP A 114 2.36 -30.43 25.25
N GLU A 115 2.58 -29.81 24.10
CA GLU A 115 1.93 -28.59 23.66
C GLU A 115 2.41 -27.35 24.41
N LYS A 116 3.45 -27.46 25.23
CA LYS A 116 4.13 -26.32 25.79
C LYS A 116 5.61 -26.29 25.40
N ASP A 117 6.35 -27.36 25.66
CA ASP A 117 7.74 -27.44 25.26
C ASP A 117 7.90 -27.94 23.82
N PHE A 118 6.93 -28.70 23.31
CA PHE A 118 7.10 -29.36 22.03
C PHE A 118 5.73 -29.76 21.50
N THR A 119 5.72 -30.06 20.21
CA THR A 119 4.51 -30.50 19.52
C THR A 119 4.95 -31.30 18.29
N TYR A 120 3.97 -31.91 17.62
CA TYR A 120 4.26 -32.67 16.41
C TYR A 120 4.47 -31.74 15.22
N LEU A 121 5.36 -32.15 14.32
CA LEU A 121 5.25 -31.70 12.92
C LEU A 121 4.08 -32.43 12.28
N SER A 122 3.16 -31.67 11.68
CA SER A 122 2.14 -32.32 10.86
C SER A 122 2.81 -33.21 9.81
N GLN A 123 2.20 -34.37 9.56
CA GLN A 123 2.63 -35.40 8.62
C GLN A 123 3.88 -36.13 9.08
N THR A 124 4.31 -35.97 10.33
CA THR A 124 5.41 -36.78 10.83
C THR A 124 5.05 -38.26 10.79
N GLU A 125 6.09 -39.10 10.73
CA GLU A 125 5.91 -40.52 11.00
C GLU A 125 5.83 -40.74 12.50
N ALA A 126 5.31 -41.91 12.87
CA ALA A 126 5.30 -42.35 14.26
C ALA A 126 6.68 -42.82 14.68
N GLY A 127 6.90 -42.88 15.98
CA GLY A 127 8.18 -43.38 16.46
C GLY A 127 8.28 -43.36 17.97
N ASP A 128 9.22 -44.15 18.46
CA ASP A 128 9.53 -44.22 19.89
C ASP A 128 11.02 -44.48 19.97
N VAL A 129 11.80 -43.46 20.28
CA VAL A 129 13.24 -43.50 20.16
C VAL A 129 13.87 -42.82 21.36
N THR A 130 14.92 -43.43 21.89
CA THR A 130 15.77 -42.83 22.92
C THR A 130 17.19 -42.84 22.39
N ALA A 131 17.82 -41.67 22.33
CA ALA A 131 19.14 -41.61 21.71
C ALA A 131 19.84 -40.31 22.11
N LYS A 132 21.15 -40.31 21.92
CA LYS A 132 21.93 -39.09 22.08
C LYS A 132 21.43 -38.01 21.12
N VAL A 133 21.44 -36.77 21.59
CA VAL A 133 20.95 -35.62 20.83
C VAL A 133 22.15 -34.86 20.28
N VAL A 134 22.16 -34.63 18.97
CA VAL A 134 23.31 -33.98 18.33
C VAL A 134 22.86 -32.73 17.59
N PRO A 135 23.30 -31.54 18.02
CA PRO A 135 22.95 -30.32 17.27
C PRO A 135 23.65 -30.28 15.92
N VAL A 136 22.95 -29.73 14.94
CA VAL A 136 23.40 -29.69 13.56
C VAL A 136 23.47 -28.23 13.14
N ASP A 137 24.69 -27.73 12.93
CA ASP A 137 24.93 -26.43 12.31
C ASP A 137 23.99 -25.35 12.87
N LEU A 138 24.04 -25.15 14.18
CA LEU A 138 23.17 -24.15 14.79
C LEU A 138 23.72 -22.74 14.59
N SER A 139 22.82 -21.76 14.63
CA SER A 139 23.22 -20.35 14.59
C SER A 139 22.28 -19.58 15.53
N LEU A 140 22.70 -19.42 16.78
CA LEU A 140 21.79 -18.94 17.82
C LEU A 140 21.73 -17.41 17.87
N GLY A 141 20.71 -16.92 18.54
CA GLY A 141 20.71 -15.52 18.94
C GLY A 141 19.85 -14.64 18.05
N ALA A 142 19.58 -13.44 18.56
CA ALA A 142 18.78 -12.47 17.81
C ALA A 142 19.43 -12.21 16.46
N GLY A 143 18.60 -12.10 15.42
CA GLY A 143 19.07 -11.74 14.10
C GLY A 143 19.81 -12.85 13.36
N ASN A 144 19.80 -14.07 13.86
CA ASN A 144 20.51 -15.13 13.16
C ASN A 144 19.84 -15.46 11.83
N THR A 145 20.61 -16.03 10.91
CA THR A 145 20.07 -16.49 9.64
C THR A 145 20.37 -17.98 9.49
N SER A 146 19.97 -18.76 10.48
CA SER A 146 20.32 -20.17 10.55
C SER A 146 19.97 -20.90 9.26
N THR A 147 20.88 -21.77 8.82
CA THR A 147 20.64 -22.71 7.73
C THR A 147 20.72 -24.14 8.25
N SER A 148 20.44 -24.32 9.53
CA SER A 148 20.65 -25.58 10.22
C SER A 148 19.95 -26.75 9.50
N GLY A 149 20.74 -27.75 9.08
CA GLY A 149 20.19 -28.93 8.47
C GLY A 149 19.78 -28.78 7.01
N CYS A 150 20.01 -27.62 6.40
CA CYS A 150 19.56 -27.42 5.02
C CYS A 150 20.46 -28.12 4.00
N GLU A 151 21.69 -28.42 4.38
CA GLU A 151 22.64 -29.06 3.48
C GLU A 151 23.07 -30.39 4.06
N ALA A 152 23.25 -31.38 3.19
CA ALA A 152 23.78 -32.67 3.64
C ALA A 152 25.13 -32.51 4.35
N GLU A 153 25.92 -31.50 3.95
CA GLU A 153 27.24 -31.29 4.54
C GLU A 153 27.18 -30.87 6.01
N ASP A 154 26.04 -30.34 6.47
CA ASP A 154 25.84 -30.04 7.89
C ASP A 154 25.96 -31.28 8.77
N PHE A 155 25.77 -32.46 8.19
CA PHE A 155 25.76 -33.72 8.91
C PHE A 155 27.08 -34.44 8.79
N ALA A 156 28.13 -33.70 8.40
CA ALA A 156 29.44 -34.29 8.18
C ALA A 156 29.92 -35.12 9.36
N ASN A 157 29.60 -34.70 10.59
CA ASN A 157 30.05 -35.42 11.78
C ASN A 157 28.88 -36.03 12.55
N PHE A 158 27.75 -36.26 11.89
CA PHE A 158 26.56 -36.76 12.56
C PHE A 158 26.59 -38.28 12.72
N PRO A 159 26.48 -38.80 13.94
CA PRO A 159 26.49 -40.27 14.14
C PRO A 159 25.13 -40.87 13.85
N ALA A 160 25.10 -41.89 13.00
CA ALA A 160 23.86 -42.58 12.68
C ALA A 160 23.18 -43.06 13.97
N GLY A 161 21.85 -42.96 14.00
CA GLY A 161 21.11 -43.37 15.18
C GLY A 161 20.85 -42.28 16.19
N SER A 162 21.50 -41.13 16.06
CA SER A 162 21.27 -40.03 16.98
C SER A 162 19.96 -39.32 16.64
N ILE A 163 19.48 -38.55 17.60
CA ILE A 163 18.42 -37.58 17.35
C ILE A 163 19.07 -36.28 16.88
N ALA A 164 18.63 -35.78 15.73
CA ALA A 164 19.17 -34.54 15.19
C ALA A 164 18.44 -33.37 15.81
N LEU A 165 19.20 -32.43 16.37
CA LEU A 165 18.62 -31.22 16.96
C LEU A 165 18.87 -30.10 15.97
N ILE A 166 17.82 -29.63 15.33
CA ILE A 166 17.91 -28.78 14.15
C ILE A 166 17.16 -27.48 14.41
N GLN A 167 17.76 -26.37 13.99
CA GLN A 167 17.15 -25.05 14.19
C GLN A 167 16.33 -24.66 12.97
N ARG A 168 15.14 -24.12 13.19
CA ARG A 168 14.35 -23.58 12.09
C ARG A 168 15.14 -22.50 11.35
N GLY A 169 14.98 -22.45 10.03
CA GLY A 169 15.59 -21.38 9.27
C GLY A 169 15.91 -21.72 7.83
N THR A 170 15.61 -20.77 6.94
CA THR A 170 15.99 -20.76 5.53
C THR A 170 15.24 -21.78 4.67
N CYS A 171 15.33 -23.07 4.98
CA CYS A 171 14.76 -24.10 4.13
C CYS A 171 13.58 -24.79 4.81
N ASN A 172 12.84 -25.58 4.03
CA ASN A 172 11.66 -26.29 4.54
C ASN A 172 11.98 -27.32 5.63
N PHE A 173 11.05 -27.44 6.59
CA PHE A 173 11.17 -28.48 7.60
C PHE A 173 11.33 -29.85 6.94
N GLU A 174 10.60 -30.10 5.85
CA GLU A 174 10.71 -31.38 5.17
C GLU A 174 12.16 -31.66 4.75
N GLN A 175 12.83 -30.64 4.20
CA GLN A 175 14.21 -30.80 3.76
C GLN A 175 15.13 -31.06 4.95
N LYS A 176 14.97 -30.30 6.03
CA LYS A 176 15.79 -30.54 7.21
C LYS A 176 15.63 -31.98 7.69
N ALA A 177 14.39 -32.45 7.80
CA ALA A 177 14.14 -33.78 8.35
C ALA A 177 14.60 -34.88 7.40
N GLU A 178 14.45 -34.68 6.09
CA GLU A 178 14.90 -35.73 5.17
C GLU A 178 16.42 -35.77 5.04
N ASN A 179 17.09 -34.62 5.16
CA ASN A 179 18.55 -34.62 5.23
C ASN A 179 19.02 -35.38 6.46
N ALA A 180 18.38 -35.14 7.60
CA ALA A 180 18.76 -35.85 8.83
C ALA A 180 18.50 -37.34 8.69
N ALA A 181 17.36 -37.71 8.11
CA ALA A 181 17.05 -39.11 7.88
C ALA A 181 18.07 -39.77 6.97
N ALA A 182 18.48 -39.08 5.90
CA ALA A 182 19.48 -39.67 5.02
C ALA A 182 20.83 -39.78 5.70
N ALA A 183 21.08 -38.93 6.69
CA ALA A 183 22.30 -39.03 7.49
C ALA A 183 22.17 -40.07 8.62
N GLY A 184 21.08 -40.83 8.66
CA GLY A 184 20.91 -41.90 9.63
C GLY A 184 20.29 -41.51 10.96
N ALA A 185 19.69 -40.32 11.06
CA ALA A 185 19.02 -39.93 12.29
C ALA A 185 17.88 -40.88 12.64
N ALA A 186 17.70 -41.12 13.94
CA ALA A 186 16.55 -41.91 14.40
C ALA A 186 15.32 -41.03 14.62
N GLY A 187 15.51 -39.73 14.78
CA GLY A 187 14.43 -38.79 14.98
C GLY A 187 14.97 -37.39 14.87
N VAL A 188 14.07 -36.43 14.81
CA VAL A 188 14.43 -35.04 14.55
C VAL A 188 13.66 -34.15 15.52
N ILE A 189 14.37 -33.21 16.15
CA ILE A 189 13.74 -32.16 16.93
C ILE A 189 14.10 -30.85 16.26
N ILE A 190 13.11 -30.13 15.76
CA ILE A 190 13.33 -28.83 15.15
C ILE A 190 12.87 -27.78 16.16
N PHE A 191 13.73 -26.84 16.51
CA PHE A 191 13.30 -25.79 17.42
C PHE A 191 13.16 -24.47 16.69
N ASN A 192 12.25 -23.62 17.19
CA ASN A 192 11.96 -22.37 16.51
C ASN A 192 13.23 -21.52 16.41
N GLN A 193 13.25 -20.63 15.41
CA GLN A 193 14.53 -20.04 14.99
C GLN A 193 15.12 -19.09 16.02
N GLY A 194 14.28 -18.39 16.77
CA GLY A 194 14.75 -17.44 17.77
C GLY A 194 15.42 -16.18 17.24
N ASN A 195 15.30 -15.87 15.94
CA ASN A 195 15.94 -14.65 15.41
C ASN A 195 15.19 -13.38 15.81
N THR A 196 13.91 -13.50 16.13
CA THR A 196 13.13 -12.41 16.72
C THR A 196 12.37 -12.99 17.90
N ASP A 197 11.85 -12.11 18.74
CA ASP A 197 11.14 -12.53 19.94
C ASP A 197 9.86 -13.29 19.62
N ASP A 198 9.25 -13.03 18.46
CA ASP A 198 8.02 -13.71 18.08
C ASP A 198 8.27 -15.04 17.40
N ARG A 199 9.53 -15.47 17.30
CA ARG A 199 9.86 -16.75 16.67
C ARG A 199 10.56 -17.66 17.66
N LYS A 200 10.00 -17.76 18.87
CA LYS A 200 10.57 -18.58 19.92
C LYS A 200 9.61 -19.63 20.48
N GLY A 201 8.31 -19.52 20.21
CA GLY A 201 7.33 -20.47 20.71
C GLY A 201 7.05 -21.62 19.76
N LEU A 202 6.03 -22.41 20.12
CA LEU A 202 5.52 -23.45 19.25
C LEU A 202 4.69 -22.82 18.13
N GLU A 203 4.61 -23.52 17.01
CA GLU A 203 3.81 -23.07 15.86
C GLU A 203 3.19 -24.26 15.14
N ASN A 204 2.20 -23.97 14.31
CA ASN A 204 1.61 -24.96 13.41
C ASN A 204 2.57 -25.18 12.24
N VAL A 205 3.25 -26.33 12.24
CA VAL A 205 4.31 -26.60 11.29
C VAL A 205 4.11 -27.99 10.71
N THR A 206 4.64 -28.21 9.51
CA THR A 206 4.44 -29.45 8.79
C THR A 206 5.71 -29.85 8.06
N VAL A 207 5.94 -31.18 7.95
CA VAL A 207 6.97 -31.67 7.03
C VAL A 207 6.37 -32.02 5.67
N GLY A 208 5.08 -31.79 5.47
CA GLY A 208 4.48 -31.97 4.17
C GLY A 208 3.92 -33.36 3.95
N GLU A 209 2.86 -33.41 3.16
CA GLU A 209 2.26 -34.69 2.80
C GLU A 209 3.24 -35.58 2.07
N SER A 210 4.24 -34.98 1.41
CA SER A 210 5.24 -35.72 0.65
C SER A 210 6.44 -36.16 1.49
N TYR A 211 6.47 -35.83 2.78
CA TYR A 211 7.56 -36.27 3.66
C TYR A 211 7.76 -37.76 3.49
N GLU A 212 9.03 -38.17 3.30
CA GLU A 212 9.37 -39.59 3.19
C GLU A 212 10.62 -39.92 4.01
N GLY A 213 10.91 -39.15 5.06
CA GLY A 213 12.11 -39.42 5.83
C GLY A 213 12.03 -40.68 6.67
N GLY A 214 10.82 -41.18 6.94
CA GLY A 214 10.65 -42.42 7.67
C GLY A 214 10.86 -42.33 9.16
N ILE A 215 11.12 -41.14 9.72
CA ILE A 215 11.43 -41.01 11.14
C ILE A 215 10.57 -39.91 11.77
N PRO A 216 10.40 -39.95 13.09
CA PRO A 216 9.56 -38.95 13.75
C PRO A 216 10.22 -37.58 13.82
N VAL A 217 9.39 -36.54 13.80
CA VAL A 217 9.85 -35.15 13.81
C VAL A 217 8.91 -34.35 14.71
N ILE A 218 9.50 -33.65 15.69
CA ILE A 218 8.73 -32.79 16.58
C ILE A 218 9.32 -31.38 16.51
N PHE A 219 8.53 -30.42 16.97
CA PHE A 219 8.89 -29.00 17.02
C PHE A 219 8.99 -28.56 18.48
N ALA A 220 10.02 -27.78 18.81
CA ALA A 220 10.23 -27.37 20.20
C ALA A 220 10.46 -25.86 20.27
N THR A 221 10.25 -25.30 21.46
CA THR A 221 10.51 -23.89 21.65
C THR A 221 11.99 -23.57 21.45
N TYR A 222 12.27 -22.32 21.12
CA TYR A 222 13.67 -21.91 20.91
C TYR A 222 14.50 -22.12 22.18
N ASP A 223 14.00 -21.68 23.33
CA ASP A 223 14.82 -21.76 24.55
C ASP A 223 15.12 -23.22 24.93
N ASN A 224 14.20 -24.15 24.63
CA ASN A 224 14.49 -25.56 24.84
C ASN A 224 15.62 -26.01 23.91
N GLY A 225 15.55 -25.60 22.64
CA GLY A 225 16.63 -25.94 21.72
C GLY A 225 17.97 -25.44 22.20
N VAL A 226 18.01 -24.19 22.68
CA VAL A 226 19.27 -23.62 23.18
C VAL A 226 19.80 -24.47 24.33
N ALA A 227 18.94 -24.76 25.30
CA ALA A 227 19.39 -25.48 26.50
C ALA A 227 19.87 -26.87 26.14
N TRP A 228 19.11 -27.58 25.29
CA TRP A 228 19.51 -28.93 24.92
C TRP A 228 20.84 -28.93 24.18
N SER A 229 21.03 -27.98 23.26
CA SER A 229 22.27 -27.90 22.48
C SER A 229 23.48 -27.64 23.36
N GLN A 230 23.27 -27.20 24.61
CA GLN A 230 24.36 -26.91 25.53
C GLN A 230 24.36 -27.87 26.72
N THR A 231 23.69 -29.02 26.57
CA THR A 231 23.62 -30.02 27.63
C THR A 231 24.52 -31.20 27.28
N PRO A 232 25.72 -31.30 27.84
CA PRO A 232 26.60 -32.42 27.46
C PRO A 232 25.94 -33.76 27.76
N ASP A 233 26.14 -34.72 26.84
CA ASP A 233 25.69 -36.09 26.99
C ASP A 233 24.17 -36.23 27.01
N LEU A 234 23.44 -35.21 26.57
CA LEU A 234 21.98 -35.26 26.58
C LEU A 234 21.46 -36.48 25.80
N GLN A 235 20.51 -37.17 26.40
CA GLN A 235 19.73 -38.17 25.69
C GLN A 235 18.25 -37.87 25.91
N LEU A 236 17.47 -37.98 24.85
CA LEU A 236 16.04 -37.71 24.90
C LEU A 236 15.25 -38.95 24.50
N HIS A 237 14.14 -39.16 25.17
CA HIS A 237 13.19 -40.23 24.89
C HIS A 237 11.99 -39.58 24.20
N LEU A 238 11.85 -39.85 22.91
CA LEU A 238 10.89 -39.17 22.05
C LEU A 238 9.83 -40.17 21.59
N VAL A 239 8.56 -39.83 21.79
CA VAL A 239 7.47 -40.72 21.39
C VAL A 239 6.45 -39.93 20.58
N VAL A 240 6.22 -40.35 19.34
CA VAL A 240 5.26 -39.71 18.46
C VAL A 240 4.20 -40.76 18.11
N ASP A 241 2.93 -40.45 18.40
CA ASP A 241 1.81 -41.38 18.32
C ASP A 241 0.86 -40.91 17.22
N VAL A 242 1.13 -41.33 15.98
CA VAL A 242 0.38 -40.91 14.82
C VAL A 242 0.30 -42.10 13.86
N VAL A 243 -0.50 -41.95 12.82
CA VAL A 243 -0.60 -42.93 11.76
C VAL A 243 -0.56 -42.19 10.43
N ARG A 244 0.24 -42.72 9.50
CA ARG A 244 0.20 -42.27 8.12
C ARG A 244 -0.22 -43.45 7.27
N LYS A 245 -1.04 -43.20 6.28
CA LYS A 245 -1.60 -44.28 5.49
C LYS A 245 -1.59 -43.84 4.05
N LYS A 246 -0.91 -44.60 3.20
CA LYS A 246 -0.87 -44.29 1.77
C LYS A 246 -2.18 -44.74 1.15
N THR A 247 -2.95 -43.80 0.62
CA THR A 247 -4.25 -44.10 0.07
C THR A 247 -4.56 -43.17 -1.10
N GLU A 248 -5.81 -42.80 -1.29
CA GLU A 248 -6.14 -41.89 -2.37
C GLU A 248 -7.32 -41.04 -1.94
N THR A 249 -7.51 -39.93 -2.64
CA THR A 249 -8.73 -39.16 -2.48
C THR A 249 -9.03 -38.52 -3.84
N TYR A 250 -10.02 -37.63 -3.87
CA TYR A 250 -10.60 -37.23 -5.14
C TYR A 250 -10.90 -35.74 -5.17
N ASN A 251 -10.68 -35.14 -6.34
CA ASN A 251 -11.33 -33.89 -6.70
C ASN A 251 -12.59 -34.16 -7.51
N VAL A 252 -13.54 -33.23 -7.47
CA VAL A 252 -14.74 -33.29 -8.31
C VAL A 252 -14.71 -32.07 -9.22
N VAL A 253 -14.72 -32.31 -10.54
CA VAL A 253 -14.57 -31.23 -11.52
C VAL A 253 -15.67 -31.33 -12.57
N ALA A 254 -16.28 -30.20 -12.90
CA ALA A 254 -17.31 -30.15 -13.93
C ALA A 254 -17.24 -28.80 -14.60
N GLU A 255 -17.71 -28.73 -15.85
CA GLU A 255 -17.68 -27.46 -16.56
C GLU A 255 -18.93 -27.33 -17.43
N THR A 256 -19.30 -26.08 -17.70
CA THR A 256 -20.41 -25.86 -18.61
C THR A 256 -20.07 -26.38 -20.01
N ARG A 257 -21.07 -26.97 -20.67
CA ARG A 257 -20.91 -27.28 -22.08
C ARG A 257 -20.69 -26.03 -22.90
N ARG A 258 -21.40 -24.95 -22.57
CA ARG A 258 -21.29 -23.69 -23.31
C ARG A 258 -20.07 -22.89 -22.88
N GLY A 259 -19.70 -21.93 -23.72
CA GLY A 259 -18.63 -21.01 -23.40
C GLY A 259 -17.31 -21.40 -24.06
N ASN A 260 -16.46 -20.40 -24.24
CA ASN A 260 -15.18 -20.58 -24.91
C ASN A 260 -14.26 -21.50 -24.12
N PRO A 261 -13.89 -22.67 -24.66
CA PRO A 261 -13.01 -23.57 -23.90
C PRO A 261 -11.58 -23.07 -23.79
N ASN A 262 -11.21 -22.03 -24.53
CA ASN A 262 -9.87 -21.46 -24.49
C ASN A 262 -9.76 -20.30 -23.51
N ASN A 263 -10.85 -19.93 -22.85
CA ASN A 263 -10.85 -18.79 -21.93
C ASN A 263 -11.74 -19.20 -20.76
N VAL A 264 -11.19 -20.05 -19.91
CA VAL A 264 -11.97 -20.68 -18.86
C VAL A 264 -11.93 -19.84 -17.59
N VAL A 265 -13.11 -19.62 -17.02
CA VAL A 265 -13.24 -19.05 -15.69
C VAL A 265 -13.47 -20.20 -14.73
N MET A 266 -12.53 -20.40 -13.82
CA MET A 266 -12.57 -21.53 -12.90
C MET A 266 -12.88 -21.04 -11.50
N VAL A 267 -13.80 -21.75 -10.82
CA VAL A 267 -14.12 -21.47 -9.42
C VAL A 267 -13.86 -22.74 -8.61
N GLY A 268 -13.35 -22.57 -7.40
CA GLY A 268 -12.97 -23.71 -6.57
C GLY A 268 -13.33 -23.51 -5.12
N ALA A 269 -13.57 -24.63 -4.46
CA ALA A 269 -13.91 -24.68 -3.04
C ALA A 269 -13.59 -26.08 -2.54
N HIS A 270 -12.79 -26.19 -1.49
CA HIS A 270 -12.43 -27.53 -1.05
C HIS A 270 -13.60 -28.16 -0.31
N LEU A 271 -13.80 -29.46 -0.57
CA LEU A 271 -14.94 -30.21 -0.07
C LEU A 271 -14.61 -31.02 1.18
N ASP A 272 -13.34 -31.17 1.54
CA ASP A 272 -12.98 -31.94 2.72
C ASP A 272 -13.04 -31.07 3.96
N SER A 273 -13.28 -31.71 5.10
CA SER A 273 -13.18 -31.11 6.43
C SER A 273 -11.93 -31.61 7.14
N VAL A 274 -11.58 -30.95 8.24
CA VAL A 274 -10.61 -31.54 9.14
C VAL A 274 -11.23 -32.77 9.79
N PHE A 275 -10.37 -33.62 10.37
CA PHE A 275 -10.86 -34.83 11.00
C PHE A 275 -11.67 -34.53 12.26
N GLU A 276 -11.47 -33.36 12.86
CA GLU A 276 -12.05 -33.06 14.17
C GLU A 276 -13.54 -32.71 14.10
N GLY A 277 -14.07 -32.37 12.93
CA GLY A 277 -15.47 -32.01 12.85
C GLY A 277 -16.06 -32.07 11.45
N PRO A 278 -17.32 -31.65 11.33
CA PRO A 278 -18.02 -31.75 10.04
C PRO A 278 -17.67 -30.68 9.04
N GLY A 279 -16.96 -29.62 9.42
CA GLY A 279 -16.53 -28.63 8.46
C GLY A 279 -17.66 -27.99 7.67
N ILE A 280 -18.68 -27.53 8.39
CA ILE A 280 -19.82 -26.92 7.71
C ILE A 280 -19.49 -25.51 7.24
N ASN A 281 -18.87 -24.69 8.11
CA ASN A 281 -18.39 -23.42 7.59
C ASN A 281 -17.09 -23.59 6.79
N ASP A 282 -16.20 -24.46 7.23
CA ASP A 282 -14.92 -24.71 6.56
C ASP A 282 -14.89 -26.17 6.09
N ASN A 283 -15.25 -26.43 4.82
CA ASN A 283 -15.68 -25.43 3.85
C ASN A 283 -16.98 -25.87 3.16
N GLY A 284 -17.89 -26.42 3.95
CA GLY A 284 -19.23 -26.60 3.45
C GLY A 284 -19.77 -25.32 2.83
N SER A 285 -19.50 -24.18 3.48
CA SER A 285 -20.05 -22.91 3.01
C SER A 285 -19.64 -22.62 1.56
N GLY A 286 -18.34 -22.65 1.26
CA GLY A 286 -17.92 -22.44 -0.11
C GLY A 286 -18.42 -23.53 -1.03
N SER A 287 -18.35 -24.79 -0.57
CA SER A 287 -18.76 -25.91 -1.40
C SER A 287 -20.23 -25.81 -1.78
N ALA A 288 -21.08 -25.50 -0.80
CA ALA A 288 -22.52 -25.48 -1.07
C ALA A 288 -22.94 -24.26 -1.86
N ALA A 289 -22.33 -23.09 -1.58
CA ALA A 289 -22.66 -21.92 -2.39
C ALA A 289 -22.26 -22.16 -3.84
N GLN A 290 -21.08 -22.71 -4.05
CA GLN A 290 -20.61 -22.99 -5.40
C GLN A 290 -21.48 -24.03 -6.10
N LEU A 291 -21.93 -25.04 -5.36
CA LEU A 291 -22.82 -26.04 -5.96
C LEU A 291 -24.13 -25.42 -6.39
N GLU A 292 -24.72 -24.57 -5.54
CA GLU A 292 -25.94 -23.87 -5.92
C GLU A 292 -25.71 -23.04 -7.17
N MET A 293 -24.60 -22.31 -7.22
CA MET A 293 -24.30 -21.52 -8.40
C MET A 293 -24.18 -22.40 -9.64
N ALA A 294 -23.46 -23.51 -9.53
CA ALA A 294 -23.27 -24.40 -10.68
C ALA A 294 -24.60 -24.93 -11.18
N VAL A 295 -25.50 -25.29 -10.27
CA VAL A 295 -26.82 -25.76 -10.68
C VAL A 295 -27.53 -24.67 -11.47
N LEU A 296 -27.46 -23.43 -10.99
CA LEU A 296 -28.13 -22.33 -11.69
C LEU A 296 -27.48 -22.05 -13.05
N LEU A 297 -26.14 -22.11 -13.11
CA LEU A 297 -25.41 -21.84 -14.34
C LEU A 297 -25.62 -22.91 -15.41
N ALA A 298 -26.24 -24.04 -15.07
CA ALA A 298 -26.54 -25.04 -16.10
C ALA A 298 -27.40 -24.43 -17.20
N LYS A 299 -28.22 -23.43 -16.88
CA LYS A 299 -29.09 -22.82 -17.87
C LYS A 299 -28.53 -21.54 -18.46
N ALA A 300 -27.34 -21.13 -18.06
CA ALA A 300 -26.78 -19.86 -18.50
C ALA A 300 -26.21 -19.97 -19.91
N LEU A 301 -25.98 -18.81 -20.52
CA LEU A 301 -25.40 -18.68 -21.85
C LEU A 301 -24.09 -17.89 -21.74
N PRO A 302 -23.08 -18.48 -21.13
CA PRO A 302 -21.82 -17.76 -20.92
C PRO A 302 -21.05 -17.58 -22.21
N VAL A 303 -20.25 -16.50 -22.26
CA VAL A 303 -19.30 -16.35 -23.36
C VAL A 303 -18.09 -17.22 -23.09
N ASN A 304 -17.62 -17.25 -21.84
CA ASN A 304 -16.46 -18.02 -21.45
C ASN A 304 -16.88 -19.23 -20.63
N LYS A 305 -16.22 -20.37 -20.87
CA LYS A 305 -16.57 -21.58 -20.14
C LYS A 305 -16.30 -21.40 -18.65
N VAL A 306 -17.22 -21.88 -17.83
CA VAL A 306 -17.07 -21.87 -16.38
C VAL A 306 -16.78 -23.29 -15.93
N ARG A 307 -15.68 -23.46 -15.18
CA ARG A 307 -15.31 -24.74 -14.63
C ARG A 307 -15.38 -24.66 -13.11
N PHE A 308 -15.96 -25.69 -12.50
CA PHE A 308 -16.19 -25.79 -11.07
C PHE A 308 -15.34 -26.93 -10.52
N ALA A 309 -14.66 -26.70 -9.40
CA ALA A 309 -13.87 -27.76 -8.78
C ALA A 309 -14.21 -27.83 -7.30
N TRP A 310 -14.42 -29.03 -6.80
CA TRP A 310 -14.49 -29.27 -5.37
C TRP A 310 -13.22 -30.05 -5.01
N TRP A 311 -12.31 -29.40 -4.26
CA TRP A 311 -10.99 -29.95 -4.02
C TRP A 311 -10.98 -30.96 -2.87
N GLY A 312 -10.25 -32.06 -3.06
CA GLY A 312 -9.98 -32.96 -1.96
C GLY A 312 -8.68 -32.63 -1.24
N ALA A 313 -8.58 -33.09 0.01
CA ALA A 313 -7.34 -33.03 0.78
C ALA A 313 -6.78 -31.61 0.90
N GLU A 314 -7.64 -30.59 0.90
CA GLU A 314 -7.14 -29.23 1.17
C GLU A 314 -6.56 -29.12 2.58
N GLU A 315 -7.21 -29.72 3.57
CA GLU A 315 -6.78 -29.58 4.95
C GLU A 315 -5.47 -30.32 5.23
N ALA A 316 -4.99 -31.13 4.30
CA ALA A 316 -3.71 -31.80 4.42
C ALA A 316 -2.59 -31.04 3.74
N GLY A 317 -2.86 -29.84 3.25
CA GLY A 317 -1.84 -29.08 2.55
C GLY A 317 -2.14 -28.85 1.09
N LEU A 318 -3.39 -28.54 0.76
CA LEU A 318 -3.76 -28.17 -0.61
C LEU A 318 -3.42 -29.28 -1.62
N VAL A 319 -3.59 -30.54 -1.20
CA VAL A 319 -3.05 -31.61 -2.04
C VAL A 319 -3.84 -31.76 -3.34
N GLY A 320 -5.17 -31.70 -3.25
CA GLY A 320 -6.00 -31.92 -4.43
C GLY A 320 -5.89 -30.82 -5.47
N SER A 321 -5.98 -29.56 -5.03
CA SER A 321 -5.86 -28.46 -5.99
C SER A 321 -4.47 -28.41 -6.62
N THR A 322 -3.43 -28.62 -5.81
CA THR A 322 -2.07 -28.66 -6.33
C THR A 322 -1.93 -29.77 -7.37
N HIS A 323 -2.41 -30.96 -7.06
CA HIS A 323 -2.34 -32.07 -8.02
C HIS A 323 -3.06 -31.70 -9.31
N TYR A 324 -4.26 -31.12 -9.20
CA TYR A 324 -5.01 -30.77 -10.40
C TYR A 324 -4.18 -29.89 -11.32
N VAL A 325 -3.64 -28.79 -10.80
CA VAL A 325 -2.91 -27.85 -11.65
C VAL A 325 -1.64 -28.49 -12.19
N GLN A 326 -0.86 -29.16 -11.33
CA GLN A 326 0.40 -29.73 -11.80
C GLN A 326 0.18 -30.79 -12.87
N ASN A 327 -0.96 -31.48 -12.84
CA ASN A 327 -1.23 -32.59 -13.76
C ASN A 327 -1.83 -32.14 -15.09
N LEU A 328 -2.20 -30.86 -15.20
CA LEU A 328 -2.75 -30.34 -16.44
C LEU A 328 -1.69 -30.27 -17.53
N ALA A 329 -2.01 -30.76 -18.71
CA ALA A 329 -1.11 -30.55 -19.84
C ALA A 329 -0.91 -29.06 -20.04
N PRO A 330 0.30 -28.63 -20.44
CA PRO A 330 0.56 -27.18 -20.60
C PRO A 330 -0.44 -26.45 -21.49
N GLU A 331 -0.86 -27.09 -22.58
CA GLU A 331 -1.81 -26.46 -23.49
C GLU A 331 -3.16 -26.27 -22.81
N GLU A 332 -3.56 -27.22 -21.96
CA GLU A 332 -4.81 -27.05 -21.22
C GLU A 332 -4.67 -26.03 -20.10
N LYS A 333 -3.50 -25.96 -19.46
CA LYS A 333 -3.29 -25.01 -18.38
C LYS A 333 -3.41 -23.57 -18.87
N LYS A 334 -2.93 -23.29 -20.08
CA LYS A 334 -2.96 -21.93 -20.61
C LYS A 334 -4.38 -21.45 -20.88
N LYS A 335 -5.36 -22.36 -20.91
CA LYS A 335 -6.75 -21.99 -21.16
C LYS A 335 -7.46 -21.43 -19.94
N ILE A 336 -6.91 -21.64 -18.74
CA ILE A 336 -7.53 -21.13 -17.52
C ILE A 336 -7.14 -19.67 -17.37
N LYS A 337 -8.11 -18.77 -17.47
CA LYS A 337 -7.80 -17.35 -17.45
C LYS A 337 -7.89 -16.75 -16.06
N ALA A 338 -8.70 -17.33 -15.19
CA ALA A 338 -8.93 -16.76 -13.87
C ALA A 338 -9.40 -17.88 -12.95
N TYR A 339 -8.99 -17.80 -11.69
CA TYR A 339 -9.41 -18.76 -10.67
C TYR A 339 -9.98 -17.99 -9.47
N LEU A 340 -11.18 -18.35 -9.06
CA LEU A 340 -11.80 -17.76 -7.89
C LEU A 340 -11.98 -18.81 -6.80
N ASN A 341 -11.51 -18.49 -5.60
CA ASN A 341 -11.47 -19.42 -4.47
C ASN A 341 -12.44 -18.97 -3.38
N PHE A 342 -13.26 -19.90 -2.89
CA PHE A 342 -14.25 -19.60 -1.87
C PHE A 342 -14.06 -20.59 -0.72
N ASP A 343 -13.34 -20.15 0.31
CA ASP A 343 -12.96 -21.03 1.41
C ASP A 343 -13.31 -20.31 2.71
N MET A 344 -14.46 -20.70 3.30
CA MET A 344 -15.02 -20.09 4.51
C MET A 344 -15.76 -18.79 4.21
N ILE A 345 -17.07 -18.88 3.96
CA ILE A 345 -17.87 -17.69 3.67
C ILE A 345 -19.18 -17.65 4.47
N GLY A 346 -19.24 -18.39 5.59
CA GLY A 346 -20.40 -18.35 6.45
C GLY A 346 -20.08 -18.16 7.93
N SER A 347 -18.99 -17.43 8.21
CA SER A 347 -18.45 -17.36 9.56
C SER A 347 -19.43 -16.72 10.53
N PRO A 348 -19.64 -17.32 11.71
CA PRO A 348 -20.61 -16.78 12.68
C PRO A 348 -20.42 -15.30 13.03
N ASN A 349 -19.17 -14.91 13.25
CA ASN A 349 -18.78 -13.55 13.63
C ASN A 349 -18.05 -12.91 12.45
N PHE A 350 -18.66 -12.98 11.27
CA PHE A 350 -17.96 -12.76 10.01
C PHE A 350 -17.46 -11.32 9.88
N GLY A 351 -16.41 -11.18 9.05
CA GLY A 351 -16.09 -9.92 8.40
C GLY A 351 -16.15 -10.13 6.90
N ASN A 352 -16.12 -9.02 6.15
CA ASN A 352 -16.17 -9.08 4.69
C ASN A 352 -14.76 -8.93 4.14
N PHE A 353 -14.10 -10.05 3.89
CA PHE A 353 -12.71 -10.04 3.48
C PHE A 353 -12.58 -10.41 2.00
N ILE A 354 -11.82 -9.61 1.26
CA ILE A 354 -11.54 -9.85 -0.14
C ILE A 354 -10.05 -10.12 -0.29
N TYR A 355 -9.69 -11.16 -1.04
CA TYR A 355 -8.28 -11.48 -1.23
C TYR A 355 -7.53 -10.25 -1.72
N ASP A 356 -6.40 -9.95 -1.08
CA ASP A 356 -5.62 -8.73 -1.36
C ASP A 356 -4.71 -8.94 -2.57
N GLY A 357 -5.35 -9.13 -3.72
CA GLY A 357 -4.62 -9.39 -4.96
C GLY A 357 -3.63 -8.31 -5.35
N ASP A 358 -3.94 -7.04 -5.07
CA ASP A 358 -3.04 -5.96 -5.44
C ASP A 358 -1.92 -5.73 -4.43
N GLY A 359 -1.88 -6.50 -3.35
CA GLY A 359 -0.86 -6.31 -2.34
C GLY A 359 -0.95 -5.00 -1.61
N SER A 360 -2.07 -4.27 -1.75
CA SER A 360 -2.18 -2.95 -1.14
C SER A 360 -2.17 -3.01 0.39
N ASP A 361 -2.56 -4.14 0.98
CA ASP A 361 -2.58 -4.26 2.43
C ASP A 361 -1.38 -5.01 2.98
N PHE A 362 -0.99 -6.12 2.35
CA PHE A 362 0.01 -7.01 2.90
C PHE A 362 1.25 -7.18 2.01
N GLY A 363 1.31 -6.48 0.87
CA GLY A 363 2.53 -6.41 0.11
C GLY A 363 2.82 -7.61 -0.78
N LEU A 364 1.93 -8.58 -0.86
CA LEU A 364 2.08 -9.70 -1.78
C LEU A 364 1.07 -9.54 -2.91
N GLN A 365 1.57 -9.44 -4.14
CA GLN A 365 0.74 -9.29 -5.32
C GLN A 365 0.48 -10.65 -5.95
N GLY A 366 -0.76 -10.86 -6.39
CA GLY A 366 -1.07 -12.01 -7.22
C GLY A 366 -0.57 -11.81 -8.64
N PRO A 367 -0.67 -12.87 -9.44
CA PRO A 367 -0.27 -12.76 -10.85
C PRO A 367 -1.11 -11.69 -11.54
N PRO A 368 -0.62 -11.13 -12.64
CA PRO A 368 -1.36 -10.07 -13.33
C PRO A 368 -2.80 -10.47 -13.60
N GLY A 369 -3.72 -9.56 -13.27
CA GLY A 369 -5.14 -9.80 -13.35
C GLY A 369 -5.79 -10.01 -11.99
N SER A 370 -5.00 -10.36 -10.97
CA SER A 370 -5.54 -10.54 -9.62
C SER A 370 -6.03 -9.21 -9.04
N ALA A 371 -5.33 -8.12 -9.36
CA ALA A 371 -5.82 -6.82 -8.91
C ALA A 371 -7.21 -6.53 -9.49
N ALA A 372 -7.42 -6.88 -10.76
CA ALA A 372 -8.70 -6.61 -11.40
C ALA A 372 -9.82 -7.40 -10.75
N ILE A 373 -9.55 -8.65 -10.38
CA ILE A 373 -10.55 -9.47 -9.72
C ILE A 373 -10.88 -8.89 -8.36
N GLU A 374 -9.85 -8.55 -7.57
CA GLU A 374 -10.08 -7.92 -6.29
C GLU A 374 -10.91 -6.65 -6.45
N ARG A 375 -10.60 -5.85 -7.47
CA ARG A 375 -11.33 -4.60 -7.73
C ARG A 375 -12.80 -4.85 -8.08
N LEU A 376 -13.08 -5.95 -8.79
CA LEU A 376 -14.46 -6.29 -9.08
C LEU A 376 -15.24 -6.59 -7.79
N PHE A 377 -14.68 -7.44 -6.93
CA PHE A 377 -15.31 -7.70 -5.63
C PHE A 377 -15.49 -6.41 -4.85
N GLU A 378 -14.45 -5.58 -4.80
CA GLU A 378 -14.51 -4.34 -4.02
C GLU A 378 -15.65 -3.45 -4.48
N ALA A 379 -15.78 -3.30 -5.79
CA ALA A 379 -16.79 -2.40 -6.32
C ALA A 379 -18.19 -2.92 -6.08
N TYR A 380 -18.36 -4.25 -6.10
CA TYR A 380 -19.66 -4.84 -5.86
C TYR A 380 -20.14 -4.61 -4.42
N PHE A 381 -19.28 -4.91 -3.43
CA PHE A 381 -19.64 -4.59 -2.04
C PHE A 381 -19.93 -3.11 -1.87
N ARG A 382 -19.09 -2.25 -2.47
CA ARG A 382 -19.28 -0.81 -2.32
C ARG A 382 -20.59 -0.35 -2.93
N LEU A 383 -20.93 -0.87 -4.10
CA LEU A 383 -22.18 -0.51 -4.76
C LEU A 383 -23.37 -0.81 -3.86
N ARG A 384 -23.26 -1.85 -3.03
CA ARG A 384 -24.33 -2.26 -2.13
C ARG A 384 -24.25 -1.58 -0.77
N GLY A 385 -23.34 -0.63 -0.58
CA GLY A 385 -23.23 0.04 0.70
C GLY A 385 -22.67 -0.83 1.79
N GLN A 386 -21.95 -1.89 1.42
CA GLN A 386 -21.38 -2.84 2.38
C GLN A 386 -19.88 -2.56 2.53
N GLN A 387 -19.37 -2.70 3.74
CA GLN A 387 -17.93 -2.56 3.94
C GLN A 387 -17.19 -3.82 3.55
N SER A 388 -15.91 -3.66 3.24
CA SER A 388 -15.03 -4.79 2.97
C SER A 388 -13.59 -4.37 3.25
N GLU A 389 -12.70 -5.36 3.36
CA GLU A 389 -11.29 -5.07 3.54
C GLU A 389 -10.48 -6.30 3.10
N GLY A 390 -9.16 -6.10 3.04
CA GLY A 390 -8.32 -7.13 2.46
C GLY A 390 -7.97 -8.25 3.44
N THR A 391 -7.60 -9.39 2.87
CA THR A 391 -7.06 -10.49 3.64
C THR A 391 -5.87 -11.08 2.88
N GLU A 392 -5.00 -11.78 3.61
CA GLU A 392 -3.73 -12.22 3.05
C GLU A 392 -3.93 -13.31 1.98
N ILE A 393 -2.98 -13.38 1.05
CA ILE A 393 -3.02 -14.35 -0.04
C ILE A 393 -1.72 -15.16 -0.09
N ASP A 394 -1.06 -15.34 1.05
CA ASP A 394 0.23 -16.04 1.06
C ASP A 394 0.02 -17.55 1.16
N PHE A 395 -0.61 -18.08 0.13
CA PHE A 395 -0.69 -19.52 -0.12
C PHE A 395 -1.39 -20.23 1.04
N ARG A 396 -2.52 -19.68 1.44
CA ARG A 396 -3.26 -20.26 2.55
C ARG A 396 -4.37 -21.21 2.12
N SER A 397 -4.73 -21.24 0.84
CA SER A 397 -5.82 -22.11 0.41
C SER A 397 -5.56 -22.54 -1.03
N ASP A 398 -6.61 -23.04 -1.71
CA ASP A 398 -6.44 -23.82 -2.93
C ASP A 398 -6.04 -22.99 -4.14
N TYR A 399 -6.03 -21.65 -4.06
CA TYR A 399 -5.42 -20.85 -5.12
C TYR A 399 -3.90 -21.00 -5.19
N ALA A 400 -3.27 -21.63 -4.21
CA ALA A 400 -1.81 -21.56 -4.10
C ALA A 400 -1.12 -22.02 -5.38
N GLU A 401 -1.51 -23.18 -5.94
CA GLU A 401 -0.81 -23.65 -7.13
C GLU A 401 -1.20 -22.84 -8.35
N PHE A 402 -2.43 -22.34 -8.39
CA PHE A 402 -2.75 -21.36 -9.43
C PHE A 402 -1.83 -20.15 -9.33
N PHE A 403 -1.65 -19.63 -8.12
CA PHE A 403 -0.71 -18.54 -7.88
C PHE A 403 0.68 -18.88 -8.42
N ASN A 404 1.19 -20.07 -8.08
CA ASN A 404 2.52 -20.48 -8.52
C ASN A 404 2.62 -20.57 -10.05
N SER A 405 1.51 -20.85 -10.71
CA SER A 405 1.49 -21.03 -12.15
C SER A 405 1.21 -19.74 -12.91
N GLY A 406 1.11 -18.60 -12.22
CA GLY A 406 0.91 -17.33 -12.88
C GLY A 406 -0.52 -17.02 -13.29
N ILE A 407 -1.49 -17.73 -12.75
CA ILE A 407 -2.89 -17.55 -13.13
C ILE A 407 -3.54 -16.51 -12.20
N ALA A 408 -4.21 -15.53 -12.80
CA ALA A 408 -4.90 -14.53 -11.99
C ALA A 408 -5.91 -15.20 -11.07
N PHE A 409 -6.00 -14.73 -9.82
CA PHE A 409 -6.95 -15.29 -8.89
C PHE A 409 -7.47 -14.22 -7.94
N GLY A 410 -8.57 -14.56 -7.25
CA GLY A 410 -9.18 -13.72 -6.24
C GLY A 410 -10.07 -14.59 -5.39
N GLY A 411 -10.76 -13.98 -4.43
CA GLY A 411 -11.60 -14.78 -3.57
C GLY A 411 -12.18 -13.98 -2.42
N LEU A 412 -13.01 -14.68 -1.64
CA LEU A 412 -13.76 -14.12 -0.53
C LEU A 412 -13.51 -14.97 0.71
N PHE A 413 -13.61 -14.33 1.87
CA PHE A 413 -13.27 -14.98 3.14
C PHE A 413 -14.04 -14.25 4.23
N THR A 414 -14.64 -14.98 5.16
CA THR A 414 -15.35 -14.32 6.26
C THR A 414 -14.59 -14.36 7.58
N GLY A 415 -13.41 -14.97 7.62
CA GLY A 415 -12.58 -14.95 8.80
C GLY A 415 -12.59 -16.29 9.49
N ALA A 416 -11.48 -16.60 10.15
CA ALA A 416 -11.36 -17.87 10.87
C ALA A 416 -10.98 -17.61 12.33
N GLU A 417 -9.77 -17.99 12.73
CA GLU A 417 -9.38 -17.92 14.13
C GLU A 417 -8.98 -16.52 14.58
N GLY A 418 -8.75 -15.59 13.65
CA GLY A 418 -8.43 -14.23 14.04
C GLY A 418 -9.54 -13.59 14.85
N LEU A 419 -9.17 -12.59 15.64
CA LEU A 419 -10.09 -11.91 16.54
C LEU A 419 -10.62 -10.64 15.90
N LYS A 420 -11.93 -10.46 15.95
CA LYS A 420 -12.55 -9.27 15.37
C LYS A 420 -12.15 -8.03 16.14
N THR A 421 -11.77 -6.97 15.43
CA THR A 421 -11.44 -5.70 16.07
C THR A 421 -12.70 -4.87 16.33
N GLU A 422 -12.55 -3.86 17.18
CA GLU A 422 -13.65 -2.94 17.46
C GLU A 422 -14.15 -2.28 16.18
N GLU A 423 -13.23 -1.85 15.31
CA GLU A 423 -13.64 -1.24 14.05
C GLU A 423 -14.41 -2.22 13.18
N GLN A 424 -13.97 -3.47 13.13
CA GLN A 424 -14.65 -4.43 12.26
C GLN A 424 -16.04 -4.77 12.77
N ALA A 425 -16.24 -4.75 14.10
CA ALA A 425 -17.58 -4.93 14.64
C ALA A 425 -18.49 -3.76 14.27
N GLN A 426 -17.93 -2.54 14.21
CA GLN A 426 -18.72 -1.42 13.70
C GLN A 426 -19.06 -1.61 12.23
N LYS A 427 -18.11 -2.15 11.45
CA LYS A 427 -18.30 -2.29 10.01
C LYS A 427 -19.22 -3.46 9.66
N TYR A 428 -19.10 -4.59 10.36
CA TYR A 428 -19.74 -5.82 9.97
C TYR A 428 -20.73 -6.37 11.01
N GLY A 429 -20.85 -5.71 12.16
CA GLY A 429 -21.61 -6.25 13.27
C GLY A 429 -20.81 -7.28 14.04
N GLY A 430 -21.50 -7.97 14.94
CA GLY A 430 -20.86 -9.01 15.72
C GLY A 430 -20.13 -8.49 16.95
N THR A 431 -19.18 -9.31 17.41
CA THR A 431 -18.52 -9.11 18.70
C THR A 431 -17.03 -8.88 18.50
N ALA A 432 -16.55 -7.74 18.95
CA ALA A 432 -15.12 -7.45 18.96
C ALA A 432 -14.41 -8.32 20.01
N GLY A 433 -13.17 -8.70 19.69
CA GLY A 433 -12.38 -9.50 20.61
C GLY A 433 -12.70 -10.97 20.60
N LYS A 434 -13.65 -11.40 19.77
CA LYS A 434 -13.99 -12.80 19.53
C LYS A 434 -13.56 -13.20 18.12
N ALA A 435 -13.21 -14.47 17.95
CA ALA A 435 -12.82 -14.97 16.64
C ALA A 435 -13.95 -14.78 15.62
N TYR A 436 -13.55 -14.60 14.36
CA TYR A 436 -14.56 -14.60 13.29
C TYR A 436 -15.31 -15.92 13.27
N ASP A 437 -14.62 -17.03 13.55
CA ASP A 437 -15.25 -18.34 13.66
C ASP A 437 -14.63 -19.02 14.87
N GLU A 438 -15.34 -19.00 15.99
CA GLU A 438 -14.81 -19.63 17.20
C GLU A 438 -14.87 -21.15 17.13
N CYS A 439 -15.55 -21.71 16.14
CA CYS A 439 -15.64 -23.16 15.96
C CYS A 439 -14.74 -23.64 14.83
N TYR A 440 -13.75 -22.83 14.46
CA TYR A 440 -12.81 -23.16 13.39
C TYR A 440 -12.09 -24.47 13.69
N HIS A 441 -12.15 -25.40 12.74
CA HIS A 441 -11.47 -26.69 12.83
C HIS A 441 -11.90 -27.48 14.06
N SER A 442 -13.14 -27.31 14.50
CA SER A 442 -13.60 -27.92 15.75
C SER A 442 -14.84 -28.78 15.50
N LYS A 443 -15.14 -29.64 16.48
CA LYS A 443 -16.39 -30.40 16.41
C LYS A 443 -17.61 -29.50 16.23
N CYS A 444 -17.59 -28.29 16.81
CA CYS A 444 -18.78 -27.44 16.75
C CYS A 444 -18.95 -26.70 15.42
N ASP A 445 -18.09 -26.91 14.41
CA ASP A 445 -18.28 -26.25 13.12
C ASP A 445 -19.36 -27.00 12.31
N GLY A 446 -20.58 -26.92 12.84
CA GLY A 446 -21.73 -27.55 12.22
C GLY A 446 -22.71 -26.53 11.68
N ILE A 447 -23.91 -27.02 11.34
CA ILE A 447 -24.90 -26.15 10.69
C ILE A 447 -25.22 -24.94 11.55
N ALA A 448 -25.23 -25.12 12.87
CA ALA A 448 -25.50 -24.00 13.76
C ALA A 448 -24.40 -22.95 13.73
N ASN A 449 -23.24 -23.27 13.15
CA ASN A 449 -22.10 -22.37 13.08
C ASN A 449 -22.09 -21.55 11.81
N ILE A 450 -23.24 -21.33 11.18
CA ILE A 450 -23.32 -20.61 9.91
C ILE A 450 -24.09 -19.33 10.16
N ASN A 451 -23.53 -18.22 9.70
CA ASN A 451 -24.23 -16.93 9.73
C ASN A 451 -24.86 -16.71 8.35
N GLN A 452 -26.19 -16.69 8.29
CA GLN A 452 -26.82 -16.65 6.97
C GLN A 452 -26.70 -15.29 6.30
N ASP A 453 -26.51 -14.21 7.06
CA ASP A 453 -26.20 -12.92 6.44
C ASP A 453 -24.86 -12.98 5.72
N ALA A 454 -23.86 -13.63 6.33
CA ALA A 454 -22.57 -13.78 5.69
C ALA A 454 -22.72 -14.59 4.41
N LEU A 455 -23.44 -15.73 4.49
CA LEU A 455 -23.70 -16.53 3.30
C LEU A 455 -24.41 -15.72 2.22
N GLU A 456 -25.37 -14.89 2.61
CA GLU A 456 -26.09 -14.07 1.64
C GLU A 456 -25.13 -13.15 0.90
N ILE A 457 -24.29 -12.44 1.66
CA ILE A 457 -23.45 -11.40 1.10
C ILE A 457 -22.38 -11.99 0.20
N HIS A 458 -21.75 -13.08 0.65
CA HIS A 458 -20.63 -13.62 -0.10
C HIS A 458 -21.08 -14.51 -1.25
N SER A 459 -22.19 -15.22 -1.13
CA SER A 459 -22.69 -15.97 -2.28
C SER A 459 -23.21 -15.00 -3.35
N ASP A 460 -23.79 -13.87 -2.94
CA ASP A 460 -24.11 -12.82 -3.91
C ASP A 460 -22.88 -12.43 -4.72
N ALA A 461 -21.77 -12.12 -4.03
CA ALA A 461 -20.57 -11.62 -4.72
C ALA A 461 -19.89 -12.72 -5.54
N MET A 462 -19.83 -13.94 -5.00
CA MET A 462 -19.38 -15.07 -5.80
C MET A 462 -20.13 -15.10 -7.14
N ALA A 463 -21.47 -15.03 -7.10
CA ALA A 463 -22.25 -15.13 -8.33
C ALA A 463 -22.00 -13.93 -9.24
N PHE A 464 -21.94 -12.72 -8.67
CA PHE A 464 -21.74 -11.55 -9.50
C PHE A 464 -20.42 -11.61 -10.26
N VAL A 465 -19.31 -11.90 -9.57
CA VAL A 465 -18.01 -11.87 -10.23
C VAL A 465 -17.85 -13.05 -11.18
N THR A 466 -18.33 -14.23 -10.79
CA THR A 466 -18.28 -15.37 -11.71
C THR A 466 -19.05 -15.06 -12.99
N SER A 467 -20.27 -14.54 -12.84
CA SER A 467 -21.08 -14.18 -14.01
C SER A 467 -20.37 -13.12 -14.85
N TRP A 468 -19.89 -12.05 -14.19
CA TRP A 468 -19.19 -10.99 -14.90
C TRP A 468 -18.07 -11.55 -15.78
N LEU A 469 -17.21 -12.39 -15.19
CA LEU A 469 -16.07 -12.90 -15.94
C LEU A 469 -16.51 -13.92 -16.99
N SER A 470 -17.61 -14.62 -16.74
CA SER A 470 -18.13 -15.53 -17.74
C SER A 470 -18.59 -14.80 -18.99
N LEU A 471 -18.86 -13.51 -18.87
CA LEU A 471 -19.22 -12.71 -20.04
C LEU A 471 -18.00 -12.00 -20.64
N SER A 472 -17.08 -11.54 -19.79
CA SER A 472 -15.89 -10.84 -20.28
C SER A 472 -14.79 -10.96 -19.25
N THR A 473 -13.62 -11.47 -19.66
CA THR A 473 -12.43 -11.42 -18.83
C THR A 473 -11.57 -10.19 -19.13
N LYS A 474 -12.13 -9.18 -19.78
CA LYS A 474 -11.35 -8.06 -20.26
C LYS A 474 -10.60 -7.35 -19.13
N VAL A 475 -11.21 -7.24 -17.95
CA VAL A 475 -10.51 -6.56 -16.87
C VAL A 475 -9.24 -7.31 -16.51
N VAL A 476 -9.28 -8.64 -16.59
CA VAL A 476 -8.09 -9.46 -16.35
C VAL A 476 -7.13 -9.36 -17.52
N ASP A 477 -7.65 -9.52 -18.74
CA ASP A 477 -6.82 -9.44 -19.93
C ASP A 477 -6.03 -8.13 -19.99
N ASP A 478 -6.64 -7.03 -19.56
CA ASP A 478 -5.97 -5.73 -19.62
C ASP A 478 -4.74 -5.69 -18.71
N GLU A 479 -4.85 -6.24 -17.50
CA GLU A 479 -3.71 -6.26 -16.60
C GLU A 479 -2.62 -7.21 -17.09
N ILE A 480 -3.02 -8.33 -17.70
CA ILE A 480 -2.05 -9.22 -18.31
C ILE A 480 -1.28 -8.49 -19.39
N ALA A 481 -2.02 -7.80 -20.27
CA ALA A 481 -1.37 -7.07 -21.36
C ALA A 481 -0.42 -6.00 -20.83
N ALA A 482 -0.86 -5.23 -19.84
CA ALA A 482 -0.03 -4.17 -19.31
C ALA A 482 1.20 -4.71 -18.60
N ALA A 483 1.09 -5.90 -18.01
CA ALA A 483 2.25 -6.50 -17.34
C ALA A 483 3.31 -6.92 -18.34
N GLY A 484 2.90 -7.36 -19.53
CA GLY A 484 3.84 -7.75 -20.56
C GLY A 484 4.69 -6.65 -21.13
N GLN A 485 4.51 -5.42 -20.64
CA GLN A 485 5.34 -4.29 -21.06
C GLN A 485 5.52 -3.26 -19.95
N SER B 18 19.86 28.30 30.67
CA SER B 18 21.23 28.03 30.25
C SER B 18 21.47 26.51 30.17
N ILE B 19 20.47 25.75 30.64
CA ILE B 19 20.56 24.29 30.60
C ILE B 19 20.62 23.80 29.16
N CYS B 20 19.92 24.46 28.26
CA CYS B 20 19.93 24.03 26.86
C CYS B 20 21.08 24.61 26.08
N LYS B 21 22.08 25.17 26.76
CA LYS B 21 23.37 25.43 26.17
C LYS B 21 24.34 24.28 26.41
N SER B 22 23.94 23.28 27.19
CA SER B 22 24.79 22.11 27.40
C SER B 22 24.86 21.26 26.15
N PRO B 23 26.06 20.92 25.67
CA PRO B 23 26.16 19.97 24.54
C PRO B 23 25.56 18.60 24.84
N LEU B 24 25.56 18.16 26.10
CA LEU B 24 24.96 16.86 26.41
C LEU B 24 23.47 16.84 26.12
N LEU B 25 22.81 17.98 26.27
CA LEU B 25 21.37 18.01 26.03
C LEU B 25 21.07 18.14 24.55
N VAL B 26 21.69 19.12 23.89
CA VAL B 26 21.31 19.41 22.51
C VAL B 26 21.91 18.45 21.49
N SER B 27 22.83 17.57 21.89
CA SER B 27 23.45 16.65 20.95
C SER B 27 22.66 15.36 20.74
N THR B 28 21.65 15.10 21.56
CA THR B 28 21.00 13.79 21.55
C THR B 28 19.52 13.91 21.21
N PRO B 29 18.94 12.85 20.67
CA PRO B 29 17.60 12.98 20.05
C PRO B 29 16.48 13.17 21.05
N LEU B 30 16.61 12.70 22.29
CA LEU B 30 15.62 12.99 23.30
C LEU B 30 15.97 14.22 24.14
N GLY B 31 17.16 14.77 23.96
CA GLY B 31 17.51 16.03 24.61
C GLY B 31 17.05 17.22 23.81
N LEU B 32 17.32 17.21 22.50
CA LEU B 32 17.02 18.36 21.67
C LEU B 32 15.55 18.76 21.69
N PRO B 33 14.59 17.83 21.52
CA PRO B 33 13.17 18.25 21.57
C PRO B 33 12.78 18.88 22.89
N ARG B 34 13.35 18.40 24.01
CA ARG B 34 13.06 19.01 25.29
C ARG B 34 13.43 20.49 25.30
N CYS B 35 14.45 20.86 24.53
CA CYS B 35 14.96 22.21 24.50
C CYS B 35 14.26 23.10 23.47
N LEU B 36 13.56 22.49 22.52
CA LEU B 36 12.84 23.22 21.47
C LEU B 36 11.38 23.39 21.89
N GLN B 37 11.01 24.60 22.30
CA GLN B 37 9.67 24.86 22.84
C GLN B 37 8.82 25.65 21.84
N ALA B 38 7.58 25.21 21.66
CA ALA B 38 6.68 25.93 20.75
C ALA B 38 6.54 27.40 21.16
N SER B 39 6.51 27.68 22.46
CA SER B 39 6.34 29.06 22.91
C SER B 39 7.53 29.92 22.48
N ASN B 40 8.73 29.33 22.42
CA ASN B 40 9.87 30.08 21.89
C ASN B 40 9.81 30.22 20.38
N VAL B 41 9.29 29.22 19.68
CA VAL B 41 9.09 29.36 18.23
C VAL B 41 8.09 30.48 17.97
N VAL B 42 7.05 30.56 18.78
CA VAL B 42 6.03 31.59 18.60
C VAL B 42 6.64 32.98 18.73
N LYS B 43 7.67 33.15 19.57
CA LYS B 43 8.36 34.44 19.64
C LYS B 43 8.95 34.80 18.28
N ARG B 44 9.56 33.83 17.59
CA ARG B 44 10.09 34.09 16.25
C ARG B 44 8.96 34.34 15.26
N LEU B 45 7.84 33.65 15.42
CA LEU B 45 6.69 33.89 14.56
C LEU B 45 6.17 35.32 14.74
N GLN B 46 6.16 35.83 15.98
CA GLN B 46 5.76 37.21 16.21
C GLN B 46 6.69 38.18 15.49
N LYS B 47 7.99 37.89 15.51
CA LYS B 47 8.94 38.75 14.79
C LYS B 47 8.62 38.75 13.29
N LEU B 48 8.31 37.58 12.72
CA LEU B 48 7.91 37.52 11.32
C LEU B 48 6.60 38.29 11.09
N GLU B 49 5.65 38.18 12.02
CA GLU B 49 4.42 38.95 11.91
C GLU B 49 4.72 40.45 11.95
N ASP B 50 5.59 40.89 12.87
CA ASP B 50 5.97 42.29 12.92
C ASP B 50 6.63 42.73 11.62
N ILE B 51 7.50 41.89 11.06
CA ILE B 51 8.12 42.21 9.77
C ILE B 51 7.04 42.41 8.70
N ALA B 52 6.11 41.45 8.60
CA ALA B 52 5.04 41.59 7.62
C ALA B 52 4.29 42.90 7.83
N SER B 53 3.99 43.23 9.08
CA SER B 53 3.20 44.43 9.37
C SER B 53 3.88 45.69 8.86
N LEU B 54 5.20 45.75 8.98
CA LEU B 54 5.97 46.90 8.53
C LEU B 54 6.27 46.89 7.04
N ASN B 55 5.90 45.85 6.31
CA ASN B 55 6.25 45.71 4.90
C ASN B 55 5.03 45.31 4.06
N ASP B 56 3.97 46.12 4.15
CA ASP B 56 2.78 46.02 3.31
C ASP B 56 2.00 44.73 3.53
N GLY B 57 2.27 44.02 4.62
CA GLY B 57 1.46 42.90 5.02
C GLY B 57 1.87 41.55 4.47
N ASN B 58 3.04 41.46 3.84
CA ASN B 58 3.49 40.17 3.30
C ASN B 58 4.99 40.03 3.46
N ARG B 59 5.46 38.82 3.21
CA ARG B 59 6.87 38.48 3.17
C ARG B 59 7.21 37.74 1.87
N ALA B 60 6.67 38.24 0.75
CA ALA B 60 6.76 37.55 -0.53
C ALA B 60 8.12 37.77 -1.18
N ALA B 61 8.46 36.86 -2.10
CA ALA B 61 9.69 37.00 -2.86
C ALA B 61 9.75 38.36 -3.54
N ALA B 62 10.94 38.96 -3.51
CA ALA B 62 11.18 40.24 -4.17
C ALA B 62 10.43 41.39 -3.51
N THR B 63 10.21 41.31 -2.21
CA THR B 63 9.62 42.38 -1.44
C THR B 63 10.52 42.72 -0.27
N PRO B 64 10.41 43.93 0.28
CA PRO B 64 11.14 44.24 1.52
C PRO B 64 10.75 43.32 2.67
N GLY B 65 9.52 42.83 2.70
CA GLY B 65 9.14 41.86 3.72
C GLY B 65 9.98 40.59 3.64
N TYR B 66 10.30 40.13 2.44
CA TYR B 66 11.20 38.99 2.34
C TYR B 66 12.62 39.37 2.74
N GLN B 67 13.10 40.53 2.29
CA GLN B 67 14.45 40.96 2.66
C GLN B 67 14.58 41.09 4.18
N ALA B 68 13.56 41.64 4.84
CA ALA B 68 13.61 41.75 6.30
C ALA B 68 13.54 40.38 6.96
N SER B 69 12.88 39.40 6.31
CA SER B 69 12.87 38.05 6.85
C SER B 69 14.25 37.42 6.73
N VAL B 70 14.92 37.64 5.62
CA VAL B 70 16.29 37.16 5.44
C VAL B 70 17.20 37.78 6.50
N ASP B 71 17.10 39.09 6.69
CA ASP B 71 17.92 39.78 7.67
C ASP B 71 17.76 39.19 9.06
N TYR B 72 16.52 38.91 9.47
CA TYR B 72 16.29 38.36 10.80
C TYR B 72 16.92 36.97 10.95
N VAL B 73 16.69 36.11 9.96
CA VAL B 73 17.26 34.76 10.00
C VAL B 73 18.78 34.83 10.02
N LYS B 74 19.36 35.68 9.18
CA LYS B 74 20.82 35.79 9.12
C LYS B 74 21.39 36.31 10.44
N GLN B 75 20.80 37.37 11.00
CA GLN B 75 21.30 37.92 12.26
C GLN B 75 21.17 36.90 13.39
N THR B 76 20.05 36.18 13.45
CA THR B 76 19.87 35.17 14.48
C THR B 76 20.93 34.09 14.37
N LEU B 77 21.23 33.63 13.16
CA LEU B 77 22.25 32.59 12.99
C LEU B 77 23.65 33.12 13.31
N GLN B 78 23.96 34.36 12.89
CA GLN B 78 25.29 34.89 13.19
C GLN B 78 25.51 35.05 14.68
N LYS B 79 24.46 35.45 15.41
CA LYS B 79 24.63 35.60 16.85
C LYS B 79 24.76 34.24 17.55
N ALA B 80 24.25 33.19 16.95
CA ALA B 80 24.47 31.83 17.42
C ALA B 80 25.82 31.26 16.98
N GLY B 81 26.61 32.01 16.21
CA GLY B 81 27.93 31.56 15.79
C GLY B 81 28.02 30.89 14.43
N TYR B 82 26.97 30.92 13.63
CA TYR B 82 27.04 30.35 12.30
C TYR B 82 27.62 31.36 11.32
N LYS B 83 28.38 30.85 10.36
CA LYS B 83 28.58 31.59 9.13
C LYS B 83 27.36 31.40 8.25
N VAL B 84 26.92 32.47 7.59
CA VAL B 84 25.66 32.46 6.86
C VAL B 84 25.95 32.83 5.42
N SER B 85 25.41 32.04 4.50
CA SER B 85 25.52 32.29 3.08
C SER B 85 24.15 32.75 2.59
N VAL B 86 24.08 34.00 2.11
CA VAL B 86 22.86 34.53 1.49
C VAL B 86 23.09 34.46 -0.01
N GLN B 87 22.39 33.54 -0.67
CA GLN B 87 22.67 33.14 -2.04
C GLN B 87 21.63 33.73 -3.00
N PRO B 88 22.01 34.67 -3.85
CA PRO B 88 21.04 35.22 -4.80
C PRO B 88 20.83 34.26 -5.97
N PHE B 89 19.64 34.36 -6.58
CA PHE B 89 19.39 33.67 -7.83
C PHE B 89 18.40 34.48 -8.66
N PRO B 90 18.52 34.44 -9.99
CA PRO B 90 17.59 35.20 -10.83
C PRO B 90 16.19 34.63 -10.72
N PHE B 91 15.22 35.54 -10.82
CA PHE B 91 13.85 35.21 -10.48
C PHE B 91 12.93 36.19 -11.19
N THR B 92 11.95 35.68 -11.94
CA THR B 92 10.94 36.53 -12.59
C THR B 92 9.71 36.56 -11.70
N ALA B 93 9.44 37.72 -11.10
CA ALA B 93 8.29 37.90 -10.24
C ALA B 93 7.00 38.04 -11.08
N TYR B 94 5.90 37.52 -10.54
CA TYR B 94 4.59 37.60 -11.19
C TYR B 94 3.59 38.20 -10.22
N TYR B 95 2.92 39.27 -10.64
CA TYR B 95 1.91 39.92 -9.79
C TYR B 95 0.64 40.11 -10.60
N PRO B 96 -0.44 39.39 -10.28
CA PRO B 96 -1.74 39.69 -10.90
C PRO B 96 -2.27 41.01 -10.40
N LYS B 97 -2.65 41.88 -11.33
CA LYS B 97 -3.07 43.24 -10.98
C LYS B 97 -4.57 43.45 -11.05
N GLY B 98 -5.33 42.46 -11.55
CA GLY B 98 -6.76 42.58 -11.64
C GLY B 98 -7.36 41.42 -12.40
N PRO B 99 -8.70 41.35 -12.41
CA PRO B 99 -9.36 40.22 -13.06
C PRO B 99 -9.26 40.29 -14.58
N GLY B 100 -9.29 39.11 -15.19
CA GLY B 100 -9.29 39.03 -16.64
C GLY B 100 -10.65 39.26 -17.26
N SER B 101 -10.63 39.51 -18.56
CA SER B 101 -11.83 39.63 -19.37
C SER B 101 -11.74 38.64 -20.53
N LEU B 102 -12.90 38.11 -20.90
CA LEU B 102 -13.00 37.23 -22.04
C LEU B 102 -14.41 37.34 -22.58
N SER B 103 -14.54 37.69 -23.85
CA SER B 103 -15.85 37.82 -24.44
C SER B 103 -15.74 37.48 -25.91
N ALA B 104 -16.78 36.85 -26.44
CA ALA B 104 -16.86 36.67 -27.88
C ALA B 104 -17.37 37.97 -28.50
N THR B 105 -16.75 38.36 -29.61
CA THR B 105 -17.20 39.48 -30.40
C THR B 105 -17.83 39.05 -31.72
N VAL B 106 -17.43 37.88 -32.23
CA VAL B 106 -17.96 37.28 -33.45
C VAL B 106 -18.07 35.78 -33.19
N PRO B 107 -19.13 35.10 -33.68
CA PRO B 107 -20.24 35.61 -34.49
C PRO B 107 -21.30 36.33 -33.66
N GLN B 108 -21.30 36.09 -32.36
CA GLN B 108 -22.27 36.67 -31.45
C GLN B 108 -21.56 37.21 -30.22
N PRO B 109 -21.99 38.35 -29.69
CA PRO B 109 -21.37 38.87 -28.46
C PRO B 109 -21.77 38.01 -27.27
N VAL B 110 -20.77 37.57 -26.52
CA VAL B 110 -20.98 36.78 -25.31
C VAL B 110 -19.94 37.19 -24.29
N THR B 111 -20.37 37.44 -23.06
CA THR B 111 -19.48 37.78 -21.96
C THR B 111 -19.29 36.55 -21.09
N TYR B 112 -18.04 36.08 -20.98
CA TYR B 112 -17.72 34.97 -20.12
C TYR B 112 -17.31 35.47 -18.75
N GLU B 113 -17.43 34.60 -17.75
CA GLU B 113 -17.39 35.00 -16.35
C GLU B 113 -16.03 34.68 -15.73
N TRP B 114 -15.39 35.71 -15.17
CA TRP B 114 -14.10 35.57 -14.51
C TRP B 114 -14.20 34.59 -13.34
N GLU B 115 -13.27 33.63 -13.31
CA GLU B 115 -13.15 32.62 -12.26
C GLU B 115 -14.29 31.59 -12.30
N LYS B 116 -15.11 31.60 -13.35
CA LYS B 116 -16.04 30.51 -13.62
C LYS B 116 -15.78 29.88 -14.98
N ASP B 117 -15.75 30.68 -16.04
CA ASP B 117 -15.46 30.15 -17.37
C ASP B 117 -13.96 30.04 -17.63
N PHE B 118 -13.16 30.89 -17.00
CA PHE B 118 -11.76 31.00 -17.33
C PHE B 118 -11.00 31.63 -16.16
N THR B 119 -9.68 31.44 -16.16
CA THR B 119 -8.80 32.01 -15.16
C THR B 119 -7.41 32.15 -15.76
N TYR B 120 -6.51 32.81 -15.03
CA TYR B 120 -5.15 32.99 -15.50
C TYR B 120 -4.34 31.72 -15.33
N LEU B 121 -3.41 31.49 -16.26
CA LEU B 121 -2.24 30.68 -15.94
C LEU B 121 -1.32 31.51 -15.06
N SER B 122 -0.92 30.95 -13.91
CA SER B 122 0.11 31.60 -13.12
C SER B 122 1.33 31.87 -13.99
N GLN B 123 1.94 33.03 -13.77
CA GLN B 123 3.15 33.48 -14.47
C GLN B 123 2.89 33.87 -15.93
N THR B 124 1.63 34.02 -16.33
CA THR B 124 1.34 34.50 -17.69
C THR B 124 1.84 35.94 -17.86
N GLU B 125 2.08 36.31 -19.12
CA GLU B 125 2.25 37.72 -19.46
C GLU B 125 0.89 38.40 -19.54
N ALA B 126 0.90 39.74 -19.47
CA ALA B 126 -0.29 40.55 -19.69
C ALA B 126 -0.59 40.60 -21.18
N GLY B 127 -1.79 41.07 -21.51
CA GLY B 127 -2.16 41.21 -22.89
C GLY B 127 -3.58 41.72 -23.04
N ASP B 128 -3.85 42.24 -24.23
CA ASP B 128 -5.19 42.70 -24.60
C ASP B 128 -5.30 42.32 -26.07
N VAL B 129 -6.05 41.27 -26.36
CA VAL B 129 -6.01 40.63 -27.67
C VAL B 129 -7.42 40.33 -28.16
N THR B 130 -7.70 40.68 -29.42
CA THR B 130 -8.92 40.25 -30.10
C THR B 130 -8.50 39.58 -31.39
N ALA B 131 -8.91 38.33 -31.58
CA ALA B 131 -8.43 37.63 -32.76
C ALA B 131 -9.28 36.40 -33.01
N LYS B 132 -9.20 35.90 -34.23
CA LYS B 132 -9.77 34.61 -34.55
C LYS B 132 -9.15 33.53 -33.65
N VAL B 133 -9.96 32.56 -33.27
CA VAL B 133 -9.55 31.46 -32.40
C VAL B 133 -9.31 30.24 -33.28
N VAL B 134 -8.15 29.60 -33.12
CA VAL B 134 -7.76 28.46 -33.94
C VAL B 134 -7.48 27.26 -33.05
N PRO B 135 -8.26 26.18 -33.15
CA PRO B 135 -7.95 24.98 -32.36
C PRO B 135 -6.71 24.28 -32.87
N VAL B 136 -5.94 23.70 -31.93
CA VAL B 136 -4.66 23.06 -32.23
C VAL B 136 -4.78 21.60 -31.82
N ASP B 137 -4.81 20.69 -32.79
CA ASP B 137 -4.71 19.24 -32.59
C ASP B 137 -5.52 18.76 -31.38
N LEU B 138 -6.82 18.99 -31.43
CA LEU B 138 -7.71 18.61 -30.34
C LEU B 138 -8.05 17.12 -30.38
N SER B 139 -8.34 16.55 -29.22
CA SER B 139 -8.81 15.17 -29.12
C SER B 139 -9.85 15.15 -27.99
N LEU B 140 -11.12 15.32 -28.37
CA LEU B 140 -12.18 15.55 -27.40
C LEU B 140 -12.72 14.23 -26.87
N GLY B 141 -13.42 14.30 -25.75
CA GLY B 141 -14.26 13.20 -25.34
C GLY B 141 -13.64 12.38 -24.21
N ALA B 142 -14.50 11.59 -23.58
CA ALA B 142 -14.07 10.74 -22.48
C ALA B 142 -12.92 9.84 -22.93
N GLY B 143 -11.92 9.70 -22.07
CA GLY B 143 -10.82 8.79 -22.32
C GLY B 143 -9.81 9.27 -23.34
N ASN B 144 -9.92 10.51 -23.79
CA ASN B 144 -8.98 11.00 -24.79
C ASN B 144 -7.56 11.08 -24.19
N THR B 145 -6.57 11.06 -25.07
CA THR B 145 -5.19 11.17 -24.63
C THR B 145 -4.54 12.33 -25.38
N SER B 146 -5.19 13.50 -25.33
CA SER B 146 -4.78 14.65 -26.13
C SER B 146 -3.30 14.98 -25.95
N THR B 147 -2.66 15.31 -27.07
CA THR B 147 -1.30 15.86 -27.10
C THR B 147 -1.33 17.27 -27.66
N SER B 148 -2.46 17.95 -27.53
CA SER B 148 -2.71 19.23 -28.19
C SER B 148 -1.60 20.25 -27.90
N GLY B 149 -0.96 20.73 -28.97
CA GLY B 149 0.07 21.75 -28.84
C GLY B 149 1.41 21.28 -28.35
N CYS B 150 1.62 19.99 -28.16
CA CYS B 150 2.87 19.53 -27.55
C CYS B 150 4.04 19.55 -28.52
N GLU B 151 3.77 19.52 -29.82
CA GLU B 151 4.81 19.47 -30.84
C GLU B 151 4.65 20.67 -31.77
N ALA B 152 5.78 21.21 -32.22
CA ALA B 152 5.73 22.31 -33.18
C ALA B 152 4.89 21.96 -34.41
N GLU B 153 4.86 20.69 -34.79
CA GLU B 153 4.13 20.32 -35.98
C GLU B 153 2.62 20.55 -35.84
N ASP B 154 2.11 20.54 -34.60
CA ASP B 154 0.70 20.87 -34.38
C ASP B 154 0.35 22.27 -34.86
N PHE B 155 1.32 23.16 -34.96
CA PHE B 155 1.08 24.54 -35.36
C PHE B 155 1.44 24.79 -36.81
N ALA B 156 1.65 23.73 -37.59
CA ALA B 156 1.85 23.91 -39.01
C ALA B 156 0.65 24.63 -39.59
N ASN B 157 0.89 25.63 -40.44
CA ASN B 157 -0.17 26.40 -41.08
C ASN B 157 -1.04 27.18 -40.09
N PHE B 158 -0.50 27.48 -38.89
CA PHE B 158 -1.20 28.28 -37.90
C PHE B 158 -1.08 29.76 -38.29
N PRO B 159 -2.19 30.49 -38.39
CA PRO B 159 -2.08 31.89 -38.84
C PRO B 159 -1.56 32.78 -37.73
N ALA B 160 -0.42 33.43 -37.98
CA ALA B 160 0.13 34.34 -36.99
C ALA B 160 -0.91 35.39 -36.62
N GLY B 161 -0.95 35.74 -35.33
CA GLY B 161 -1.90 36.70 -34.81
C GLY B 161 -3.16 36.10 -34.22
N SER B 162 -3.46 34.83 -34.47
CA SER B 162 -4.65 34.20 -33.91
C SER B 162 -4.44 33.84 -32.44
N ILE B 163 -5.56 33.61 -31.75
CA ILE B 163 -5.54 32.99 -30.43
C ILE B 163 -5.54 31.48 -30.60
N ALA B 164 -4.58 30.82 -29.95
CA ALA B 164 -4.46 29.37 -30.02
C ALA B 164 -5.36 28.75 -28.97
N LEU B 165 -6.24 27.85 -29.40
CA LEU B 165 -7.13 27.15 -28.49
C LEU B 165 -6.58 25.75 -28.33
N ILE B 166 -6.05 25.46 -27.15
CA ILE B 166 -5.23 24.28 -26.89
C ILE B 166 -5.88 23.47 -25.76
N GLN B 167 -5.86 22.15 -25.92
CA GLN B 167 -6.41 21.24 -24.93
C GLN B 167 -5.31 20.79 -23.99
N ARG B 168 -5.61 20.78 -22.70
CA ARG B 168 -4.70 20.20 -21.72
C ARG B 168 -4.40 18.76 -22.09
N GLY B 169 -3.15 18.33 -21.88
CA GLY B 169 -2.79 16.95 -22.09
C GLY B 169 -1.34 16.70 -22.46
N THR B 170 -0.77 15.66 -21.84
CA THR B 170 0.54 15.09 -22.12
C THR B 170 1.72 15.96 -21.70
N CYS B 171 1.85 17.15 -22.24
CA CYS B 171 3.03 17.97 -21.97
C CYS B 171 2.64 19.18 -21.11
N ASN B 172 3.66 19.89 -20.61
CA ASN B 172 3.45 21.05 -19.75
C ASN B 172 2.76 22.22 -20.44
N PHE B 173 1.97 22.95 -19.65
CA PHE B 173 1.36 24.20 -20.13
C PHE B 173 2.41 25.13 -20.72
N GLU B 174 3.58 25.21 -20.07
CA GLU B 174 4.64 26.07 -20.59
C GLU B 174 5.01 25.71 -22.02
N GLN B 175 5.13 24.40 -22.30
CA GLN B 175 5.51 23.94 -23.63
C GLN B 175 4.43 24.29 -24.67
N LYS B 176 3.17 24.03 -24.35
CA LYS B 176 2.08 24.37 -25.25
C LYS B 176 2.08 25.86 -25.57
N ALA B 177 2.19 26.69 -24.55
CA ALA B 177 2.10 28.13 -24.75
C ALA B 177 3.32 28.67 -25.48
N GLU B 178 4.51 28.14 -25.19
CA GLU B 178 5.71 28.62 -25.88
C GLU B 178 5.75 28.11 -27.32
N ASN B 179 5.22 26.90 -27.57
CA ASN B 179 5.06 26.45 -28.95
C ASN B 179 4.09 27.36 -29.70
N ALA B 180 2.98 27.72 -29.07
CA ALA B 180 2.02 28.61 -29.72
C ALA B 180 2.66 29.97 -30.01
N ALA B 181 3.42 30.52 -29.06
CA ALA B 181 4.10 31.79 -29.27
C ALA B 181 5.08 31.70 -30.43
N ALA B 182 5.80 30.59 -30.55
CA ALA B 182 6.74 30.46 -31.64
C ALA B 182 6.06 30.38 -33.00
N ALA B 183 4.79 29.95 -33.03
CA ALA B 183 4.00 29.94 -34.25
C ALA B 183 3.31 31.26 -34.52
N GLY B 184 3.55 32.28 -33.71
CA GLY B 184 2.97 33.59 -33.92
C GLY B 184 1.63 33.82 -33.26
N ALA B 185 1.19 32.95 -32.35
CA ALA B 185 -0.05 33.21 -31.64
C ALA B 185 0.04 34.54 -30.88
N ALA B 186 -1.06 35.28 -30.84
CA ALA B 186 -1.13 36.48 -30.01
C ALA B 186 -1.55 36.19 -28.59
N GLY B 187 -2.18 35.03 -28.36
CA GLY B 187 -2.60 34.66 -27.02
C GLY B 187 -2.96 33.19 -27.03
N VAL B 188 -3.14 32.64 -25.83
CA VAL B 188 -3.38 31.21 -25.68
C VAL B 188 -4.51 30.97 -24.69
N ILE B 189 -5.43 30.09 -25.06
CA ILE B 189 -6.47 29.58 -24.17
C ILE B 189 -6.26 28.08 -24.08
N ILE B 190 -5.97 27.59 -22.88
CA ILE B 190 -5.84 26.15 -22.63
C ILE B 190 -7.09 25.72 -21.88
N PHE B 191 -7.79 24.71 -22.40
CA PHE B 191 -8.95 24.22 -21.68
C PHE B 191 -8.68 22.84 -21.10
N ASN B 192 -9.36 22.54 -19.99
CA ASN B 192 -9.13 21.29 -19.28
C ASN B 192 -9.40 20.12 -20.21
N GLN B 193 -8.75 18.99 -19.91
CA GLN B 193 -8.63 17.91 -20.88
C GLN B 193 -9.95 17.20 -21.13
N GLY B 194 -10.80 17.08 -20.12
CA GLY B 194 -12.07 16.41 -20.28
C GLY B 194 -12.01 14.92 -20.51
N ASN B 195 -10.86 14.28 -20.25
CA ASN B 195 -10.80 12.84 -20.44
C ASN B 195 -11.56 12.11 -19.33
N THR B 196 -11.75 12.76 -18.18
CA THR B 196 -12.59 12.25 -17.11
C THR B 196 -13.47 13.38 -16.58
N ASP B 197 -14.51 12.99 -15.82
CA ASP B 197 -15.46 13.98 -15.30
C ASP B 197 -14.80 14.97 -14.34
N ASP B 198 -13.72 14.57 -13.67
CA ASP B 198 -13.06 15.46 -12.73
C ASP B 198 -12.03 16.38 -13.39
N ARG B 199 -11.90 16.35 -14.70
CA ARG B 199 -10.93 17.19 -15.40
C ARG B 199 -11.64 18.09 -16.42
N LYS B 200 -12.72 18.75 -15.98
CA LYS B 200 -13.48 19.63 -16.86
C LYS B 200 -13.60 21.05 -16.34
N GLY B 201 -13.32 21.30 -15.06
CA GLY B 201 -13.44 22.61 -14.46
C GLY B 201 -12.14 23.39 -14.50
N LEU B 202 -12.15 24.53 -13.82
CA LEU B 202 -10.94 25.31 -13.63
C LEU B 202 -10.01 24.63 -12.64
N GLU B 203 -8.71 24.90 -12.77
CA GLU B 203 -7.70 24.38 -11.86
C GLU B 203 -6.62 25.43 -11.63
N ASN B 204 -5.86 25.24 -10.56
CA ASN B 204 -4.68 26.05 -10.29
C ASN B 204 -3.56 25.57 -11.19
N VAL B 205 -3.22 26.36 -12.21
CA VAL B 205 -2.30 25.96 -13.26
C VAL B 205 -1.27 27.07 -13.48
N THR B 206 -0.11 26.69 -13.99
CA THR B 206 1.00 27.62 -14.19
C THR B 206 1.73 27.32 -15.50
N VAL B 207 2.24 28.39 -16.14
CA VAL B 207 3.20 28.21 -17.22
C VAL B 207 4.64 28.26 -16.73
N GLY B 208 4.84 28.39 -15.42
CA GLY B 208 6.18 28.30 -14.87
C GLY B 208 6.86 29.65 -14.81
N GLU B 209 7.70 29.80 -13.78
CA GLU B 209 8.50 31.00 -13.63
C GLU B 209 9.43 31.22 -14.81
N SER B 210 9.79 30.16 -15.52
CA SER B 210 10.69 30.25 -16.67
C SER B 210 9.95 30.52 -17.98
N TYR B 211 8.62 30.64 -17.95
CA TYR B 211 7.85 30.97 -19.16
C TYR B 211 8.42 32.20 -19.85
N GLU B 212 8.63 32.10 -21.17
CA GLU B 212 9.12 33.25 -21.91
C GLU B 212 8.39 33.40 -23.24
N GLY B 213 7.15 32.90 -23.33
CA GLY B 213 6.41 32.96 -24.58
C GLY B 213 6.00 34.37 -24.98
N GLY B 214 5.94 35.28 -24.01
CA GLY B 214 5.67 36.68 -24.29
C GLY B 214 4.22 37.01 -24.57
N ILE B 215 3.32 36.04 -24.46
CA ILE B 215 1.91 36.28 -24.80
C ILE B 215 1.06 35.83 -23.64
N PRO B 216 -0.18 36.33 -23.54
CA PRO B 216 -1.06 35.95 -22.44
C PRO B 216 -1.60 34.54 -22.60
N VAL B 217 -1.85 33.89 -21.47
CA VAL B 217 -2.31 32.51 -21.43
C VAL B 217 -3.36 32.37 -20.33
N ILE B 218 -4.53 31.86 -20.67
CA ILE B 218 -5.60 31.64 -19.70
C ILE B 218 -6.01 30.18 -19.75
N PHE B 219 -6.68 29.73 -18.69
CA PHE B 219 -7.22 28.39 -18.57
C PHE B 219 -8.74 28.46 -18.60
N ALA B 220 -9.37 27.51 -19.30
CA ALA B 220 -10.81 27.53 -19.47
C ALA B 220 -11.41 26.16 -19.17
N THR B 221 -12.70 26.15 -18.86
CA THR B 221 -13.39 24.89 -18.65
C THR B 221 -13.40 24.08 -19.93
N TYR B 222 -13.52 22.77 -19.77
CA TYR B 222 -13.55 21.87 -20.92
C TYR B 222 -14.72 22.18 -21.83
N ASP B 223 -15.93 22.33 -21.26
CA ASP B 223 -17.10 22.54 -22.11
C ASP B 223 -17.02 23.85 -22.89
N ASN B 224 -16.37 24.88 -22.33
CA ASN B 224 -16.12 26.09 -23.10
C ASN B 224 -15.16 25.84 -24.25
N GLY B 225 -14.07 25.11 -24.00
CA GLY B 225 -13.17 24.76 -25.07
C GLY B 225 -13.85 23.98 -26.19
N VAL B 226 -14.71 23.02 -25.82
CA VAL B 226 -15.44 22.24 -26.82
C VAL B 226 -16.28 23.16 -27.70
N ALA B 227 -17.07 24.05 -27.08
CA ALA B 227 -18.00 24.88 -27.83
C ALA B 227 -17.24 25.85 -28.74
N TRP B 228 -16.18 26.47 -28.22
CA TRP B 228 -15.41 27.41 -29.02
C TRP B 228 -14.77 26.72 -30.22
N SER B 229 -14.23 25.52 -30.02
CA SER B 229 -13.61 24.78 -31.10
C SER B 229 -14.60 24.45 -32.21
N GLN B 230 -15.89 24.53 -31.95
CA GLN B 230 -16.90 24.23 -32.95
C GLN B 230 -17.72 25.46 -33.32
N THR B 231 -17.21 26.66 -33.03
CA THR B 231 -17.92 27.88 -33.34
C THR B 231 -17.28 28.55 -34.55
N PRO B 232 -17.83 28.40 -35.76
CA PRO B 232 -17.20 28.99 -36.94
C PRO B 232 -17.06 30.50 -36.80
N ASP B 233 -15.92 31.01 -37.26
CA ASP B 233 -15.65 32.44 -37.29
C ASP B 233 -15.54 33.05 -35.90
N LEU B 234 -15.36 32.22 -34.88
CA LEU B 234 -15.20 32.72 -33.52
C LEU B 234 -14.05 33.71 -33.42
N GLN B 235 -14.30 34.84 -32.77
CA GLN B 235 -13.28 35.78 -32.36
C GLN B 235 -13.48 36.08 -30.88
N LEU B 236 -12.39 36.06 -30.12
CA LEU B 236 -12.44 36.29 -28.69
C LEU B 236 -11.64 37.53 -28.34
N HIS B 237 -12.14 38.29 -27.39
CA HIS B 237 -11.47 39.46 -26.86
C HIS B 237 -10.96 39.08 -25.48
N LEU B 238 -9.63 38.93 -25.37
CA LEU B 238 -8.98 38.40 -24.19
C LEU B 238 -8.14 39.49 -23.54
N VAL B 239 -8.35 39.70 -22.25
CA VAL B 239 -7.61 40.73 -21.53
C VAL B 239 -7.03 40.11 -20.26
N VAL B 240 -5.71 40.16 -20.14
CA VAL B 240 -5.01 39.62 -18.98
C VAL B 240 -4.25 40.76 -18.34
N ASP B 241 -4.53 41.02 -17.06
CA ASP B 241 -4.06 42.22 -16.36
C ASP B 241 -3.10 41.77 -15.25
N VAL B 242 -1.82 41.67 -15.60
CA VAL B 242 -0.77 41.19 -14.70
C VAL B 242 0.50 41.97 -14.96
N VAL B 243 1.49 41.75 -14.10
CA VAL B 243 2.84 42.29 -14.25
C VAL B 243 3.86 41.19 -13.97
N ARG B 244 4.89 41.13 -14.80
CA ARG B 244 6.07 40.30 -14.55
C ARG B 244 7.32 41.17 -14.52
N LYS B 245 8.26 40.83 -13.66
CA LYS B 245 9.51 41.59 -13.53
C LYS B 245 10.68 40.65 -13.31
N LYS B 246 11.69 40.76 -14.17
CA LYS B 246 12.92 40.02 -14.03
C LYS B 246 13.73 40.62 -12.88
N THR B 247 13.94 39.84 -11.81
CA THR B 247 14.62 40.36 -10.62
C THR B 247 15.43 39.25 -9.95
N GLU B 248 15.55 39.30 -8.62
CA GLU B 248 16.28 38.24 -7.92
C GLU B 248 15.70 38.09 -6.53
N THR B 249 16.03 36.96 -5.89
CA THR B 249 15.72 36.77 -4.48
C THR B 249 16.81 35.87 -3.91
N TYR B 250 16.61 35.37 -2.68
CA TYR B 250 17.73 34.76 -1.97
C TYR B 250 17.30 33.48 -1.25
N ASN B 251 18.20 32.50 -1.25
CA ASN B 251 18.19 31.44 -0.24
C ASN B 251 19.12 31.82 0.91
N VAL B 252 18.84 31.30 2.10
CA VAL B 252 19.75 31.46 3.24
C VAL B 252 20.21 30.07 3.65
N VAL B 253 21.52 29.84 3.63
CA VAL B 253 22.08 28.52 3.89
C VAL B 253 23.16 28.63 4.95
N ALA B 254 23.13 27.72 5.93
CA ALA B 254 24.15 27.68 6.97
C ALA B 254 24.32 26.24 7.43
N GLU B 255 25.52 25.94 7.93
CA GLU B 255 25.78 24.59 8.42
C GLU B 255 26.62 24.63 9.68
N THR B 256 26.51 23.58 10.47
CA THR B 256 27.36 23.44 11.65
C THR B 256 28.83 23.35 11.24
N ARG B 257 29.70 23.97 12.03
CA ARG B 257 31.12 23.75 11.85
C ARG B 257 31.49 22.29 12.08
N ARG B 258 30.86 21.66 13.06
CA ARG B 258 31.17 20.27 13.39
C ARG B 258 30.45 19.31 12.45
N GLY B 259 30.94 18.08 12.42
CA GLY B 259 30.30 17.00 11.71
C GLY B 259 30.96 16.71 10.37
N ASN B 260 30.76 15.48 9.90
CA ASN B 260 31.36 14.99 8.66
C ASN B 260 30.85 15.78 7.45
N PRO B 261 31.70 16.50 6.73
CA PRO B 261 31.22 17.26 5.58
C PRO B 261 30.80 16.39 4.40
N ASN B 262 31.14 15.10 4.42
CA ASN B 262 30.81 14.18 3.34
C ASN B 262 29.50 13.43 3.57
N ASN B 263 28.83 13.69 4.70
CA ASN B 263 27.59 13.01 5.07
C ASN B 263 26.68 14.07 5.72
N VAL B 264 26.07 14.90 4.88
CA VAL B 264 25.33 16.05 5.35
C VAL B 264 23.88 15.68 5.56
N VAL B 265 23.34 16.04 6.71
CA VAL B 265 21.91 15.97 6.99
C VAL B 265 21.39 17.38 6.76
N MET B 266 20.55 17.54 5.75
CA MET B 266 20.09 18.86 5.34
C MET B 266 18.63 19.03 5.72
N VAL B 267 18.30 20.18 6.32
CA VAL B 267 16.92 20.50 6.68
C VAL B 267 16.53 21.80 5.99
N GLY B 268 15.29 21.87 5.53
CA GLY B 268 14.82 23.02 4.77
C GLY B 268 13.41 23.45 5.12
N ALA B 269 13.17 24.75 4.92
CA ALA B 269 11.88 25.37 5.18
C ALA B 269 11.83 26.65 4.36
N HIS B 270 10.81 26.83 3.52
CA HIS B 270 10.80 28.01 2.67
C HIS B 270 10.41 29.23 3.51
N LEU B 271 11.08 30.35 3.26
CA LEU B 271 10.94 31.56 4.06
C LEU B 271 10.03 32.61 3.45
N ASP B 272 9.66 32.45 2.18
CA ASP B 272 8.77 33.42 1.53
C ASP B 272 7.31 33.08 1.83
N SER B 273 6.47 34.11 1.79
CA SER B 273 5.02 33.99 1.83
C SER B 273 4.46 34.27 0.44
N VAL B 274 3.18 33.95 0.25
CA VAL B 274 2.48 34.49 -0.93
C VAL B 274 2.30 36.00 -0.75
N PHE B 275 1.99 36.67 -1.87
CA PHE B 275 1.81 38.13 -1.80
C PHE B 275 0.58 38.52 -0.99
N GLU B 276 -0.36 37.59 -0.77
CA GLU B 276 -1.64 37.93 -0.15
C GLU B 276 -1.60 38.11 1.36
N GLY B 277 -0.58 37.61 2.05
CA GLY B 277 -0.55 37.73 3.48
C GLY B 277 0.82 37.51 4.09
N PRO B 278 0.89 37.50 5.43
CA PRO B 278 2.19 37.39 6.10
C PRO B 278 2.77 35.98 6.14
N GLY B 279 2.00 34.95 5.78
CA GLY B 279 2.54 33.61 5.71
C GLY B 279 3.14 33.13 7.02
N ILE B 280 2.39 33.27 8.11
CA ILE B 280 2.93 32.87 9.41
C ILE B 280 2.89 31.35 9.57
N ASN B 281 1.77 30.71 9.24
CA ASN B 281 1.80 29.24 9.23
C ASN B 281 2.50 28.71 7.98
N ASP B 282 2.29 29.34 6.83
CA ASP B 282 2.93 28.93 5.58
C ASP B 282 3.82 30.07 5.08
N ASN B 283 5.12 30.02 5.38
CA ASN B 283 5.73 28.93 6.15
C ASN B 283 6.61 29.49 7.27
N GLY B 284 6.14 30.53 7.94
CA GLY B 284 6.78 30.93 9.18
C GLY B 284 6.94 29.75 10.12
N SER B 285 5.93 28.89 10.20
CA SER B 285 5.98 27.78 11.15
C SER B 285 7.23 26.93 10.95
N GLY B 286 7.43 26.41 9.73
CA GLY B 286 8.63 25.62 9.46
C GLY B 286 9.91 26.43 9.56
N SER B 287 9.87 27.67 9.06
CA SER B 287 11.06 28.53 9.07
C SER B 287 11.51 28.81 10.49
N ALA B 288 10.56 29.16 11.38
CA ALA B 288 10.88 29.56 12.73
C ALA B 288 11.26 28.37 13.60
N ALA B 289 10.57 27.24 13.43
CA ALA B 289 10.96 26.05 14.18
C ALA B 289 12.36 25.60 13.80
N GLN B 290 12.68 25.64 12.50
CA GLN B 290 14.01 25.26 12.05
C GLN B 290 15.06 26.22 12.59
N LEU B 291 14.73 27.51 12.63
CA LEU B 291 15.67 28.48 13.18
C LEU B 291 15.92 28.23 14.67
N GLU B 292 14.85 27.97 15.43
CA GLU B 292 15.04 27.65 16.83
C GLU B 292 15.94 26.43 16.99
N MET B 293 15.70 25.39 16.17
CA MET B 293 16.54 24.20 16.20
C MET B 293 18.00 24.51 15.86
N ALA B 294 18.23 25.31 14.82
CA ALA B 294 19.61 25.66 14.46
C ALA B 294 20.31 26.41 15.59
N VAL B 295 19.60 27.34 16.23
CA VAL B 295 20.20 28.06 17.34
C VAL B 295 20.63 27.08 18.43
N LEU B 296 19.77 26.11 18.75
CA LEU B 296 20.13 25.12 19.77
C LEU B 296 21.26 24.22 19.31
N LEU B 297 21.24 23.82 18.03
CA LEU B 297 22.26 22.91 17.50
C LEU B 297 23.63 23.55 17.40
N ALA B 298 23.73 24.87 17.55
CA ALA B 298 25.06 25.51 17.56
C ALA B 298 25.97 24.90 18.62
N LYS B 299 25.40 24.37 19.71
CA LYS B 299 26.21 23.78 20.78
C LYS B 299 26.33 22.28 20.67
N ALA B 300 25.71 21.66 19.67
CA ALA B 300 25.68 20.21 19.59
C ALA B 300 27.02 19.66 19.09
N LEU B 301 27.21 18.36 19.31
CA LEU B 301 28.38 17.62 18.85
C LEU B 301 27.92 16.52 17.88
N PRO B 302 27.44 16.91 16.71
CA PRO B 302 26.95 15.91 15.76
C PRO B 302 28.08 15.11 15.13
N VAL B 303 27.75 13.89 14.72
CA VAL B 303 28.66 13.08 13.94
C VAL B 303 28.66 13.54 12.49
N ASN B 304 27.47 13.83 11.96
CA ASN B 304 27.27 14.27 10.59
C ASN B 304 26.91 15.75 10.55
N LYS B 305 27.49 16.47 9.58
CA LYS B 305 27.23 17.89 9.47
C LYS B 305 25.75 18.12 9.22
N VAL B 306 25.18 19.09 9.93
CA VAL B 306 23.80 19.49 9.70
C VAL B 306 23.81 20.81 8.94
N ARG B 307 23.11 20.85 7.80
CA ARG B 307 22.99 22.05 6.97
C ARG B 307 21.54 22.53 7.01
N PHE B 308 21.35 23.84 7.17
CA PHE B 308 20.03 24.45 7.24
C PHE B 308 19.83 25.37 6.04
N ALA B 309 18.64 25.31 5.45
CA ALA B 309 18.32 26.18 4.32
C ALA B 309 16.97 26.85 4.54
N TRP B 310 16.92 28.15 4.26
CA TRP B 310 15.67 28.87 4.18
C TRP B 310 15.46 29.24 2.71
N TRP B 311 14.46 28.64 2.08
CA TRP B 311 14.30 28.76 0.64
C TRP B 311 13.53 30.03 0.27
N GLY B 312 14.00 30.70 -0.77
CA GLY B 312 13.22 31.76 -1.37
C GLY B 312 12.34 31.27 -2.52
N ALA B 313 11.32 32.05 -2.82
CA ALA B 313 10.48 31.88 -4.01
C ALA B 313 9.88 30.47 -4.10
N GLU B 314 9.58 29.85 -2.96
CA GLU B 314 8.83 28.60 -2.99
C GLU B 314 7.43 28.82 -3.55
N GLU B 315 6.78 29.92 -3.18
CA GLU B 315 5.41 30.14 -3.63
C GLU B 315 5.32 30.44 -5.12
N ALA B 316 6.46 30.66 -5.78
CA ALA B 316 6.49 30.87 -7.22
C ALA B 316 6.80 29.60 -8.00
N GLY B 317 6.88 28.46 -7.33
CA GLY B 317 7.18 27.20 -8.00
C GLY B 317 8.51 26.59 -7.59
N LEU B 318 8.81 26.66 -6.29
CA LEU B 318 10.00 26.00 -5.74
C LEU B 318 11.28 26.50 -6.39
N VAL B 319 11.35 27.78 -6.71
CA VAL B 319 12.46 28.27 -7.53
C VAL B 319 13.78 28.21 -6.75
N GLY B 320 13.77 28.63 -5.49
CA GLY B 320 15.01 28.72 -4.73
C GLY B 320 15.64 27.36 -4.43
N SER B 321 14.85 26.41 -3.92
CA SER B 321 15.37 25.08 -3.64
C SER B 321 15.78 24.37 -4.92
N THR B 322 14.96 24.48 -5.97
CA THR B 322 15.34 23.90 -7.25
C THR B 322 16.65 24.50 -7.75
N HIS B 323 16.78 25.83 -7.66
CA HIS B 323 18.02 26.48 -8.09
C HIS B 323 19.21 25.99 -7.27
N TYR B 324 19.06 25.95 -5.94
CA TYR B 324 20.14 25.50 -5.09
C TYR B 324 20.64 24.12 -5.51
N VAL B 325 19.72 23.17 -5.66
CA VAL B 325 20.09 21.80 -5.95
C VAL B 325 20.71 21.68 -7.34
N GLN B 326 20.06 22.26 -8.37
CA GLN B 326 20.56 22.10 -9.72
C GLN B 326 21.95 22.72 -9.88
N ASN B 327 22.27 23.75 -9.11
CA ASN B 327 23.55 24.42 -9.26
C ASN B 327 24.65 23.77 -8.42
N LEU B 328 24.33 22.76 -7.64
CA LEU B 328 25.36 22.04 -6.90
C LEU B 328 26.23 21.24 -7.85
N ALA B 329 27.54 21.36 -7.69
CA ALA B 329 28.45 20.47 -8.38
C ALA B 329 28.13 19.01 -8.02
N PRO B 330 28.29 18.08 -8.97
CA PRO B 330 27.95 16.68 -8.67
C PRO B 330 28.63 16.13 -7.42
N GLU B 331 29.90 16.48 -7.18
CA GLU B 331 30.58 15.97 -5.99
C GLU B 331 29.97 16.57 -4.72
N GLU B 332 29.56 17.84 -4.75
CA GLU B 332 28.92 18.42 -3.57
C GLU B 332 27.52 17.87 -3.38
N LYS B 333 26.81 17.57 -4.48
CA LYS B 333 25.49 16.99 -4.35
C LYS B 333 25.55 15.63 -3.67
N LYS B 334 26.58 14.84 -3.98
CA LYS B 334 26.67 13.49 -3.41
C LYS B 334 26.95 13.49 -1.91
N LYS B 335 27.36 14.62 -1.34
CA LYS B 335 27.63 14.67 0.09
C LYS B 335 26.35 14.82 0.91
N ILE B 336 25.24 15.19 0.29
CA ILE B 336 23.98 15.33 1.01
C ILE B 336 23.33 13.95 1.10
N LYS B 337 23.21 13.43 2.33
CA LYS B 337 22.68 12.08 2.49
C LYS B 337 21.17 12.07 2.71
N ALA B 338 20.60 13.16 3.24
CA ALA B 338 19.19 13.18 3.58
C ALA B 338 18.73 14.64 3.59
N TYR B 339 17.49 14.85 3.18
CA TYR B 339 16.87 16.16 3.23
C TYR B 339 15.54 16.05 3.96
N LEU B 340 15.35 16.88 4.97
CA LEU B 340 14.09 16.93 5.71
C LEU B 340 13.43 18.28 5.47
N ASN B 341 12.15 18.25 5.13
CA ASN B 341 11.41 19.44 4.69
C ASN B 341 10.30 19.75 5.67
N PHE B 342 10.20 21.01 6.09
CA PHE B 342 9.15 21.41 7.04
C PHE B 342 8.38 22.60 6.48
N ASP B 343 7.21 22.33 5.91
CA ASP B 343 6.43 23.34 5.20
C ASP B 343 5.00 23.26 5.73
N MET B 344 4.66 24.15 6.66
CA MET B 344 3.36 24.22 7.33
C MET B 344 3.25 23.18 8.43
N ILE B 345 3.59 23.58 9.65
CA ILE B 345 3.55 22.63 10.77
C ILE B 345 2.83 23.23 11.96
N GLY B 346 2.03 24.27 11.74
CA GLY B 346 1.26 24.82 12.84
C GLY B 346 -0.21 25.04 12.55
N SER B 347 -0.80 24.24 11.67
CA SER B 347 -2.14 24.52 11.19
C SER B 347 -3.17 24.48 12.32
N PRO B 348 -4.04 25.49 12.42
CA PRO B 348 -5.03 25.49 13.52
C PRO B 348 -5.87 24.22 13.61
N ASN B 349 -6.32 23.69 12.47
CA ASN B 349 -7.15 22.50 12.44
C ASN B 349 -6.33 21.30 11.96
N PHE B 350 -5.17 21.13 12.57
CA PHE B 350 -4.11 20.28 12.05
C PHE B 350 -4.49 18.80 12.05
N GLY B 351 -3.81 18.06 11.17
CA GLY B 351 -3.62 16.63 11.34
C GLY B 351 -2.12 16.39 11.42
N ASN B 352 -1.75 15.18 11.84
CA ASN B 352 -0.34 14.84 11.97
C ASN B 352 0.06 14.07 10.73
N PHE B 353 0.59 14.78 9.72
CA PHE B 353 0.89 14.16 8.44
C PHE B 353 2.39 13.98 8.29
N ILE B 354 2.79 12.78 7.86
CA ILE B 354 4.18 12.43 7.60
C ILE B 354 4.33 12.12 6.11
N TYR B 355 5.36 12.67 5.48
CA TYR B 355 5.59 12.40 4.06
C TYR B 355 5.61 10.89 3.82
N ASP B 356 4.84 10.45 2.83
CA ASP B 356 4.66 9.02 2.56
C ASP B 356 5.82 8.50 1.69
N GLY B 357 7.02 8.53 2.27
CA GLY B 357 8.20 8.15 1.53
C GLY B 357 8.17 6.74 0.96
N ASP B 358 7.55 5.80 1.68
CA ASP B 358 7.50 4.41 1.24
C ASP B 358 6.37 4.15 0.25
N GLY B 359 5.58 5.16 -0.10
CA GLY B 359 4.49 4.97 -1.05
C GLY B 359 3.35 4.09 -0.57
N SER B 360 3.27 3.80 0.72
CA SER B 360 2.27 2.86 1.22
C SER B 360 0.85 3.40 1.11
N ASP B 361 0.66 4.71 1.06
CA ASP B 361 -0.67 5.31 0.95
C ASP B 361 -1.01 5.74 -0.47
N PHE B 362 -0.08 6.36 -1.18
CA PHE B 362 -0.38 6.99 -2.46
C PHE B 362 0.41 6.44 -3.64
N GLY B 363 1.26 5.44 -3.43
CA GLY B 363 1.88 4.74 -4.53
C GLY B 363 3.08 5.41 -5.16
N LEU B 364 3.53 6.55 -4.62
CA LEU B 364 4.75 7.21 -5.07
C LEU B 364 5.81 7.04 -3.99
N GLN B 365 6.91 6.38 -4.33
CA GLN B 365 8.03 6.14 -3.43
C GLN B 365 9.09 7.22 -3.60
N GLY B 366 9.66 7.66 -2.49
CA GLY B 366 10.82 8.50 -2.52
C GLY B 366 12.05 7.71 -2.89
N PRO B 367 13.16 8.41 -3.08
CA PRO B 367 14.43 7.73 -3.38
C PRO B 367 14.82 6.83 -2.23
N PRO B 368 15.66 5.81 -2.47
CA PRO B 368 16.01 4.87 -1.38
C PRO B 368 16.49 5.61 -0.16
N GLY B 369 15.94 5.25 0.99
CA GLY B 369 16.20 5.94 2.23
C GLY B 369 15.05 6.79 2.70
N SER B 370 14.12 7.13 1.80
CA SER B 370 12.95 7.90 2.20
C SER B 370 12.05 7.06 3.10
N ALA B 371 11.93 5.76 2.82
CA ALA B 371 11.12 4.91 3.68
C ALA B 371 11.64 4.92 5.11
N ALA B 372 12.97 4.83 5.28
CA ALA B 372 13.55 4.82 6.61
C ALA B 372 13.31 6.15 7.33
N ILE B 373 13.41 7.26 6.61
CA ILE B 373 13.16 8.56 7.24
C ILE B 373 11.71 8.63 7.73
N GLU B 374 10.77 8.25 6.85
CA GLU B 374 9.36 8.20 7.22
C GLU B 374 9.14 7.32 8.45
N ARG B 375 9.86 6.20 8.52
CA ARG B 375 9.72 5.28 9.66
C ARG B 375 10.21 5.93 10.96
N LEU B 376 11.26 6.75 10.89
CA LEU B 376 11.72 7.47 12.08
C LEU B 376 10.65 8.41 12.60
N PHE B 377 10.05 9.22 11.71
CA PHE B 377 8.95 10.08 12.12
C PHE B 377 7.79 9.25 12.71
N GLU B 378 7.43 8.16 12.03
CA GLU B 378 6.30 7.36 12.49
C GLU B 378 6.56 6.83 13.89
N ALA B 379 7.77 6.33 14.12
CA ALA B 379 8.09 5.76 15.41
C ALA B 379 8.13 6.83 16.51
N TYR B 380 8.58 8.03 16.18
CA TYR B 380 8.60 9.09 17.20
C TYR B 380 7.18 9.49 17.58
N PHE B 381 6.31 9.70 16.60
CA PHE B 381 4.92 10.01 16.92
C PHE B 381 4.31 8.93 17.79
N ARG B 382 4.59 7.67 17.46
CA ARG B 382 4.08 6.55 18.26
C ARG B 382 4.62 6.62 19.69
N LEU B 383 5.92 6.90 19.83
CA LEU B 383 6.54 6.99 21.15
C LEU B 383 5.89 8.07 22.00
N ARG B 384 5.42 9.15 21.39
CA ARG B 384 4.79 10.23 22.12
C ARG B 384 3.29 10.02 22.31
N GLY B 385 2.76 8.85 21.90
CA GLY B 385 1.35 8.56 22.04
C GLY B 385 0.46 9.31 21.09
N GLN B 386 1.00 9.80 19.99
CA GLN B 386 0.26 10.58 19.01
C GLN B 386 -0.06 9.74 17.78
N GLN B 387 -1.23 9.96 17.20
CA GLN B 387 -1.53 9.33 15.93
C GLN B 387 -0.87 10.12 14.80
N SER B 388 -0.71 9.46 13.66
CA SER B 388 -0.17 10.10 12.47
C SER B 388 -0.67 9.34 11.25
N GLU B 389 -0.50 9.96 10.08
CA GLU B 389 -0.85 9.30 8.83
C GLU B 389 -0.05 9.93 7.70
N GLY B 390 -0.13 9.31 6.51
CA GLY B 390 0.69 9.75 5.41
C GLY B 390 0.09 10.91 4.64
N THR B 391 0.96 11.65 3.95
CA THR B 391 0.53 12.67 3.00
C THR B 391 1.37 12.54 1.74
N GLU B 392 0.84 13.10 0.64
CA GLU B 392 1.45 12.91 -0.67
C GLU B 392 2.81 13.59 -0.78
N ILE B 393 3.65 13.04 -1.66
CA ILE B 393 4.99 13.59 -1.91
C ILE B 393 5.19 13.85 -3.39
N ASP B 394 4.11 14.15 -4.12
CA ASP B 394 4.24 14.37 -5.56
C ASP B 394 4.63 15.82 -5.85
N PHE B 395 5.82 16.17 -5.37
CA PHE B 395 6.53 17.40 -5.75
C PHE B 395 5.74 18.65 -5.39
N ARG B 396 5.23 18.65 -4.16
CA ARG B 396 4.42 19.74 -3.66
C ARG B 396 5.21 20.79 -2.90
N SER B 397 6.46 20.51 -2.54
CA SER B 397 7.22 21.50 -1.78
C SER B 397 8.71 21.34 -2.09
N ASP B 398 9.56 21.93 -1.23
CA ASP B 398 10.95 22.18 -1.60
C ASP B 398 11.80 20.91 -1.67
N TYR B 399 11.28 19.76 -1.25
CA TYR B 399 11.96 18.49 -1.50
C TYR B 399 11.99 18.12 -2.98
N ALA B 400 11.24 18.83 -3.84
CA ALA B 400 11.01 18.36 -5.20
C ALA B 400 12.29 18.04 -5.94
N GLU B 401 13.24 18.99 -5.97
CA GLU B 401 14.47 18.75 -6.74
C GLU B 401 15.39 17.75 -6.04
N PHE B 402 15.34 17.69 -4.70
CA PHE B 402 16.04 16.61 -4.01
C PHE B 402 15.51 15.25 -4.47
N PHE B 403 14.18 15.10 -4.51
CA PHE B 403 13.55 13.90 -5.05
C PHE B 403 14.07 13.61 -6.46
N ASN B 404 14.04 14.61 -7.34
CA ASN B 404 14.52 14.42 -8.71
C ASN B 404 15.97 13.97 -8.74
N SER B 405 16.75 14.34 -7.73
CA SER B 405 18.17 14.02 -7.68
C SER B 405 18.47 12.70 -6.98
N GLY B 406 17.44 11.96 -6.56
CA GLY B 406 17.67 10.68 -5.94
C GLY B 406 18.11 10.74 -4.50
N ILE B 407 17.92 11.88 -3.84
CA ILE B 407 18.33 12.06 -2.45
C ILE B 407 17.18 11.69 -1.53
N ALA B 408 17.46 10.86 -0.53
CA ALA B 408 16.44 10.46 0.43
C ALA B 408 15.87 11.70 1.14
N PHE B 409 14.56 11.70 1.32
CA PHE B 409 13.95 12.84 1.96
C PHE B 409 12.74 12.38 2.76
N GLY B 410 12.25 13.27 3.63
CA GLY B 410 11.05 13.06 4.40
C GLY B 410 10.60 14.40 4.93
N GLY B 411 9.53 14.38 5.70
CA GLY B 411 9.07 15.63 6.27
C GLY B 411 7.74 15.50 6.99
N LEU B 412 7.30 16.65 7.52
CA LEU B 412 6.11 16.77 8.33
C LEU B 412 5.21 17.88 7.76
N PHE B 413 3.91 17.73 7.98
CA PHE B 413 2.89 18.60 7.41
C PHE B 413 1.69 18.57 8.33
N THR B 414 1.09 19.73 8.61
CA THR B 414 -0.12 19.75 9.42
C THR B 414 -1.40 19.98 8.61
N GLY B 415 -1.29 20.18 7.30
CA GLY B 415 -2.46 20.26 6.44
C GLY B 415 -2.70 21.70 5.98
N ALA B 416 -3.25 21.84 4.78
CA ALA B 416 -3.55 23.15 4.23
C ALA B 416 -5.02 23.25 3.85
N GLU B 417 -5.32 23.36 2.54
CA GLU B 417 -6.68 23.62 2.07
C GLU B 417 -7.58 22.39 2.11
N GLY B 418 -7.04 21.19 2.28
CA GLY B 418 -7.88 20.02 2.37
C GLY B 418 -8.81 20.06 3.55
N LEU B 419 -9.93 19.33 3.44
CA LEU B 419 -10.96 19.31 4.46
C LEU B 419 -10.74 18.13 5.39
N LYS B 420 -10.76 18.39 6.70
CA LYS B 420 -10.54 17.33 7.67
C LYS B 420 -11.67 16.32 7.62
N THR B 421 -11.33 15.04 7.63
CA THR B 421 -12.33 13.99 7.64
C THR B 421 -12.79 13.70 9.07
N GLU B 422 -13.92 12.99 9.18
CA GLU B 422 -14.41 12.60 10.50
C GLU B 422 -13.38 11.77 11.25
N GLU B 423 -12.74 10.82 10.56
CA GLU B 423 -11.74 9.99 11.23
C GLU B 423 -10.59 10.86 11.74
N GLN B 424 -10.19 11.87 10.95
CA GLN B 424 -9.08 12.70 11.38
C GLN B 424 -9.46 13.57 12.57
N ALA B 425 -10.72 14.01 12.64
CA ALA B 425 -11.15 14.76 13.83
C ALA B 425 -11.14 13.87 15.06
N GLN B 426 -11.47 12.59 14.91
CA GLN B 426 -11.37 11.67 16.04
C GLN B 426 -9.92 11.49 16.48
N LYS B 427 -8.99 11.43 15.52
CA LYS B 427 -7.58 11.21 15.85
C LYS B 427 -6.88 12.45 16.38
N TYR B 428 -7.18 13.63 15.84
CA TYR B 428 -6.38 14.82 16.12
C TYR B 428 -7.16 15.94 16.80
N GLY B 429 -8.46 15.79 17.00
CA GLY B 429 -9.25 16.92 17.47
C GLY B 429 -9.60 17.84 16.31
N GLY B 430 -10.11 19.02 16.65
CA GLY B 430 -10.46 19.98 15.62
C GLY B 430 -11.84 19.71 15.05
N THR B 431 -12.09 20.24 13.84
CA THR B 431 -13.41 20.24 13.23
C THR B 431 -13.37 19.51 11.89
N ALA B 432 -14.15 18.43 11.78
CA ALA B 432 -14.31 17.76 10.50
C ALA B 432 -15.08 18.63 9.51
N GLY B 433 -14.71 18.54 8.23
CA GLY B 433 -15.36 19.30 7.19
C GLY B 433 -14.88 20.73 7.03
N LYS B 434 -13.94 21.16 7.86
CA LYS B 434 -13.26 22.44 7.69
C LYS B 434 -11.80 22.18 7.29
N ALA B 435 -11.23 23.11 6.55
CA ALA B 435 -9.85 22.98 6.13
C ALA B 435 -8.92 22.84 7.34
N TYR B 436 -7.81 22.14 7.12
CA TYR B 436 -6.77 22.10 8.14
C TYR B 436 -6.26 23.50 8.45
N ASP B 437 -6.17 24.35 7.43
CA ASP B 437 -5.78 25.75 7.60
C ASP B 437 -6.72 26.57 6.72
N GLU B 438 -7.70 27.22 7.36
CA GLU B 438 -8.67 28.04 6.64
C GLU B 438 -8.10 29.37 6.19
N CYS B 439 -6.92 29.74 6.65
CA CYS B 439 -6.26 30.96 6.22
C CYS B 439 -5.12 30.69 5.25
N TYR B 440 -5.10 29.49 4.65
CA TYR B 440 -4.05 29.14 3.71
C TYR B 440 -3.98 30.16 2.58
N HIS B 441 -2.79 30.71 2.38
CA HIS B 441 -2.52 31.68 1.31
C HIS B 441 -3.40 32.92 1.40
N SER B 442 -3.73 33.34 2.61
CA SER B 442 -4.64 34.47 2.80
C SER B 442 -4.08 35.52 3.74
N LYS B 443 -4.80 36.64 3.72
CA LYS B 443 -4.63 37.75 4.63
C LYS B 443 -4.58 37.32 6.07
N CYS B 444 -5.42 36.38 6.47
CA CYS B 444 -5.51 35.98 7.87
C CYS B 444 -4.45 34.96 8.29
N ASP B 445 -3.49 34.58 7.43
CA ASP B 445 -2.43 33.65 7.86
C ASP B 445 -1.41 34.43 8.70
N GLY B 446 -1.87 34.89 9.87
CA GLY B 446 -1.08 35.67 10.78
C GLY B 446 -0.78 34.94 12.08
N ILE B 447 -0.32 35.70 13.07
CA ILE B 447 0.15 35.11 14.33
C ILE B 447 -0.96 34.31 14.99
N ALA B 448 -2.20 34.78 14.88
CA ALA B 448 -3.34 34.06 15.45
C ALA B 448 -3.64 32.74 14.74
N ASN B 449 -3.07 32.51 13.56
CA ASN B 449 -3.35 31.32 12.75
C ASN B 449 -2.41 30.15 13.08
N ILE B 450 -1.98 30.04 14.35
CA ILE B 450 -1.04 29.02 14.77
C ILE B 450 -1.65 28.17 15.89
N ASN B 451 -1.59 26.85 15.74
CA ASN B 451 -1.93 25.93 16.81
C ASN B 451 -0.64 25.52 17.49
N GLN B 452 -0.44 25.96 18.73
CA GLN B 452 0.84 25.70 19.39
C GLN B 452 0.99 24.25 19.82
N ASP B 453 -0.12 23.52 20.01
CA ASP B 453 0.00 22.08 20.26
C ASP B 453 0.56 21.35 19.06
N ALA B 454 0.09 21.70 17.86
CA ALA B 454 0.64 21.10 16.65
C ALA B 454 2.10 21.52 16.46
N LEU B 455 2.37 22.81 16.62
CA LEU B 455 3.73 23.30 16.45
C LEU B 455 4.70 22.59 17.39
N GLU B 456 4.29 22.35 18.65
CA GLU B 456 5.15 21.68 19.61
C GLU B 456 5.45 20.24 19.19
N ILE B 457 4.42 19.48 18.83
CA ILE B 457 4.66 18.07 18.53
C ILE B 457 5.44 17.93 17.23
N HIS B 458 5.17 18.78 16.24
CA HIS B 458 5.92 18.63 14.99
C HIS B 458 7.33 19.17 15.13
N SER B 459 7.54 20.20 15.94
CA SER B 459 8.91 20.66 16.20
C SER B 459 9.68 19.62 17.00
N ASP B 460 9.01 18.96 17.96
CA ASP B 460 9.61 17.85 18.69
C ASP B 460 10.12 16.79 17.72
N ALA B 461 9.27 16.40 16.77
CA ALA B 461 9.62 15.35 15.83
C ALA B 461 10.71 15.81 14.87
N MET B 462 10.61 17.05 14.39
CA MET B 462 11.71 17.64 13.62
C MET B 462 13.04 17.49 14.37
N ALA B 463 13.08 17.88 15.65
CA ALA B 463 14.33 17.83 16.40
C ALA B 463 14.80 16.40 16.63
N PHE B 464 13.88 15.50 16.96
CA PHE B 464 14.28 14.11 17.20
C PHE B 464 14.91 13.50 15.95
N VAL B 465 14.28 13.65 14.79
CA VAL B 465 14.77 12.97 13.61
C VAL B 465 16.05 13.64 13.10
N THR B 466 16.10 14.97 13.15
CA THR B 466 17.33 15.66 12.76
C THR B 466 18.50 15.22 13.64
N SER B 467 18.29 15.24 14.96
CA SER B 467 19.34 14.80 15.88
C SER B 467 19.72 13.34 15.63
N TRP B 468 18.73 12.46 15.50
CA TRP B 468 19.01 11.05 15.20
C TRP B 468 19.92 10.92 13.98
N LEU B 469 19.55 11.54 12.87
CA LEU B 469 20.35 11.40 11.66
C LEU B 469 21.70 12.10 11.81
N SER B 470 21.77 13.17 12.60
CA SER B 470 23.05 13.84 12.82
C SER B 470 24.04 12.91 13.53
N LEU B 471 23.55 11.88 14.20
CA LEU B 471 24.42 10.90 14.85
C LEU B 471 24.67 9.69 13.96
N SER B 472 23.69 9.26 13.19
CA SER B 472 23.85 8.08 12.34
C SER B 472 22.82 8.12 11.21
N THR B 473 23.28 8.03 9.97
CA THR B 473 22.39 7.86 8.82
C THR B 473 22.21 6.40 8.44
N LYS B 474 22.54 5.47 9.34
CA LYS B 474 22.60 4.06 8.99
C LYS B 474 21.25 3.55 8.47
N VAL B 475 20.13 4.03 9.05
CA VAL B 475 18.85 3.55 8.55
C VAL B 475 18.66 3.97 7.10
N VAL B 476 19.17 5.15 6.71
CA VAL B 476 19.13 5.56 5.32
C VAL B 476 20.16 4.80 4.50
N ASP B 477 21.39 4.71 5.00
CA ASP B 477 22.44 3.99 4.28
C ASP B 477 22.02 2.55 3.96
N ASP B 478 21.33 1.90 4.88
CA ASP B 478 20.96 0.49 4.65
C ASP B 478 19.98 0.35 3.50
N GLU B 479 19.01 1.26 3.40
CA GLU B 479 18.06 1.21 2.30
C GLU B 479 18.74 1.54 0.98
N ILE B 480 19.69 2.48 1.00
CA ILE B 480 20.47 2.77 -0.21
C ILE B 480 21.20 1.52 -0.67
N ALA B 481 21.89 0.85 0.25
CA ALA B 481 22.62 -0.36 -0.09
C ALA B 481 21.69 -1.44 -0.64
N ALA B 482 20.55 -1.65 0.02
CA ALA B 482 19.64 -2.69 -0.45
C ALA B 482 19.02 -2.35 -1.80
N ALA B 483 18.81 -1.06 -2.09
CA ALA B 483 18.28 -0.69 -3.40
C ALA B 483 19.29 -0.93 -4.50
N GLY B 484 20.57 -0.67 -4.23
CA GLY B 484 21.63 -0.94 -5.18
C GLY B 484 21.96 -2.41 -5.31
N GLN B 485 21.14 -3.27 -4.73
CA GLN B 485 21.36 -4.71 -4.81
C GLN B 485 20.06 -5.48 -4.57
N GLU C 1 6.77 -19.07 5.42
CA GLU C 1 5.99 -19.51 4.23
C GLU C 1 5.00 -20.58 4.71
N ARG C 2 3.75 -20.41 4.27
CA ARG C 2 2.70 -21.38 4.50
C ARG C 2 2.44 -22.21 3.25
N TRP C 3 1.82 -23.38 3.42
CA TRP C 3 1.15 -24.05 2.33
C TRP C 3 -0.15 -24.64 2.87
N GLY C 4 -1.21 -23.85 2.83
CA GLY C 4 -2.39 -24.13 3.63
C GLY C 4 -2.24 -23.67 5.06
N HIS C 5 -2.75 -24.48 5.98
CA HIS C 5 -2.86 -24.12 7.40
C HIS C 5 -1.49 -23.99 8.07
N ASP C 6 -0.54 -24.83 7.67
CA ASP C 6 0.70 -24.96 8.43
C ASP C 6 1.86 -24.22 7.76
N PHE C 7 2.84 -23.80 8.57
CA PHE C 7 4.11 -23.34 8.04
C PHE C 7 4.91 -24.54 7.55
N ILE C 8 5.54 -24.39 6.39
CA ILE C 8 6.42 -25.40 5.82
C ILE C 8 7.90 -25.07 6.08
N LYS C 9 8.16 -23.88 6.62
CA LYS C 9 9.49 -23.49 7.05
C LYS C 9 9.44 -22.34 8.07
N GLU D 1 0.54 16.57 -13.02
CA GLU D 1 1.81 16.81 -12.28
C GLU D 1 1.74 18.21 -11.66
N ARG D 2 2.19 18.27 -10.40
CA ARG D 2 2.37 19.53 -9.69
C ARG D 2 3.85 19.92 -9.65
N TRP D 3 4.11 21.20 -9.43
CA TRP D 3 5.43 21.66 -8.98
C TRP D 3 5.22 22.81 -8.00
N GLY D 4 5.10 22.46 -6.72
CA GLY D 4 4.51 23.35 -5.74
C GLY D 4 3.00 23.34 -5.77
N HIS D 5 2.44 24.53 -5.60
CA HIS D 5 1.01 24.75 -5.45
C HIS D 5 0.23 24.45 -6.74
N ASP D 6 0.83 24.74 -7.90
CA ASP D 6 0.09 24.72 -9.16
C ASP D 6 0.41 23.49 -10.00
N PHE D 7 -0.54 23.06 -10.84
CA PHE D 7 -0.28 22.07 -11.86
C PHE D 7 0.55 22.67 -13.00
N ILE D 8 1.56 21.93 -13.44
CA ILE D 8 2.38 22.35 -14.56
C ILE D 8 1.92 21.67 -15.85
N LYS D 9 1.03 20.68 -15.72
CA LYS D 9 0.43 20.04 -16.88
C LYS D 9 -0.95 19.41 -16.54
AS CAC E . -8.04 -23.34 5.73
O1 CAC E . -9.04 -22.15 6.19
O2 CAC E . -8.94 -24.77 5.18
C1 CAC E . -6.79 -23.89 7.13
C2 CAC E . -7.05 -22.63 4.19
H11 CAC E . -6.44 -23.10 7.57
H12 CAC E . -6.06 -24.40 6.74
H13 CAC E . -7.26 -24.44 7.78
H21 CAC E . -7.68 -22.33 3.51
H22 CAC E . -6.48 -23.32 3.83
H23 CAC E . -6.51 -21.87 4.48
ZN ZN F . -9.52 -25.46 7.33
ZN ZN G . -10.88 -24.18 4.37
ZN ZN H . -5.86 -4.84 -1.89
ZN ZN I . 25.21 -29.92 -0.20
ZN ZN J . -16.86 -43.54 15.98
NA NA K . -16.41 2.21 20.25
NA NA L . 10.83 -35.04 0.38
NA NA M . 1.69 -37.48 -1.91
NA NA N . 23.60 -25.39 6.63
NA NA O . 9.16 -45.28 24.71
AS CAC P . 2.81 25.25 -0.37
O1 CAC P . 1.97 24.57 0.82
O2 CAC P . 3.90 26.55 0.15
C1 CAC P . 3.89 23.84 -1.18
C2 CAC P . 1.63 26.02 -1.75
H11 CAC P . 4.69 23.69 -0.64
H12 CAC P . 4.15 24.11 -2.08
H13 CAC P . 3.38 23.02 -1.23
H21 CAC P . 2.18 26.42 -2.45
H22 CAC P . 1.07 26.70 -1.35
H23 CAC P . 1.08 25.32 -2.14
ZN ZN Q . 2.11 28.15 0.23
ZN ZN R . 4.56 26.39 2.11
ZN ZN S . 7.22 18.80 23.32
ZN ZN T . 3.94 5.42 4.10
ZN ZN U . 14.19 31.58 -14.29
NA NA V . 0.15 16.43 -32.81
NA NA W . 10.23 27.71 -21.43
NA NA X . -2.35 -27.33 10.89
NA NA Y . -1.25 28.60 -7.24
#